data_4BKG
# 
_entry.id   4BKG 
# 
_audit_conform.dict_name       mmcif_pdbx.dic 
_audit_conform.dict_version    5.383 
_audit_conform.dict_location   http://mmcif.pdb.org/dictionaries/ascii/mmcif_pdbx.dic 
# 
loop_
_database_2.database_id 
_database_2.database_code 
_database_2.pdbx_database_accession 
_database_2.pdbx_DOI 
PDB   4BKG         pdb_00004bkg 10.2210/pdb4bkg/pdb 
PDBE  EBI-56542    ?            ?                   
WWPDB D_1290056542 ?            ?                   
# 
_pdbx_database_status.status_code                     REL 
_pdbx_database_status.entry_id                        4BKG 
_pdbx_database_status.deposit_site                    PDBE 
_pdbx_database_status.process_site                    PDBE 
_pdbx_database_status.SG_entry                        . 
_pdbx_database_status.recvd_initial_deposition_date   2013-04-25 
_pdbx_database_status.pdb_format_compatible           Y 
_pdbx_database_status.status_code_sf                  REL 
_pdbx_database_status.status_code_mr                  ? 
_pdbx_database_status.status_code_cs                  ? 
_pdbx_database_status.methods_development_category    ? 
_pdbx_database_status.status_code_nmr_data            ? 
# 
loop_
_audit_author.name 
_audit_author.pdbx_ordinal 
'Keusekotten, K.'       1  
'Bade, V.N.'            2  
'Meyer-Teschendorf, K.' 3  
'Sriramachandran, A.'   4  
'Fischer-Schrader, K.'  5  
'Krause, A.'            6  
'Horst, C.'             7  
'Hofmann, K.'           8  
'Dohmen, R.J.'          9  
'Praefcke, G.J.K.'      10 
# 
_citation.id                        primary 
_citation.title                     
;Multivalent Interactions of the Sumo-Interaction Motifs in the Ring-Finger Protein 4 (Rnf4) Determine the Specificity for Chains of the Small Ubiquitin-Related Modifier (Sumo).
;
_citation.journal_abbrev            Biochem.J. 
_citation.journal_volume            457 
_citation.page_first                207 
_citation.page_last                 ? 
_citation.year                      2014 
_citation.journal_id_ASTM           BIJOAK 
_citation.country                   UK 
_citation.journal_id_ISSN           0264-6021 
_citation.journal_id_CSD            0043 
_citation.book_publisher            ? 
_citation.pdbx_database_id_PubMed   24151981 
_citation.pdbx_database_id_DOI      10.1042/BJ20130753 
# 
loop_
_citation_author.citation_id 
_citation_author.name 
_citation_author.ordinal 
_citation_author.identifier_ORCID 
primary 'Keusekotten, K.'       1  ? 
primary 'Bade, V.N.'            2  ? 
primary 'Meyer-Teschendorf, K.' 3  ? 
primary 'Sriramachandran, A.M.' 4  ? 
primary 'Fischer-Schrader, K.'  5  ? 
primary 'Krause, A.'            6  ? 
primary 'Horst, C.'             7  ? 
primary 'Schwarz, G.'           8  ? 
primary 'Hofmann, K.'           9  ? 
primary 'Dohmen, R.J.'          10 ? 
primary 'Praefcke, G.J.'        11 ? 
# 
_cell.entry_id           4BKG 
_cell.length_a           74.988 
_cell.length_b           74.988 
_cell.length_c           33.267 
_cell.angle_alpha        90.00 
_cell.angle_beta         90.00 
_cell.angle_gamma        120.00 
_cell.Z_PDB              9 
_cell.pdbx_unique_axis   ? 
# 
_symmetry.entry_id                         4BKG 
_symmetry.space_group_name_H-M             'H 3' 
_symmetry.pdbx_full_space_group_name_H-M   ? 
_symmetry.cell_setting                     ? 
_symmetry.Int_Tables_number                146 
# 
loop_
_entity.id 
_entity.type 
_entity.src_method 
_entity.pdbx_description 
_entity.formula_weight 
_entity.pdbx_number_of_molecules 
_entity.pdbx_ec 
_entity.pdbx_mutation 
_entity.pdbx_fragment 
_entity.details 
1 polymer man 'SMALL UBIQUITIN-RELATED MODIFIER 2' 19185.377 1  ? ? 'SUMO-2DELTAN11, RESIDUES 12-93' 
;LINEAR FUSION-PROTEIN OF 2 SUMO2-DELTAN11 FRAGMENTS, WHICH ARE PRESENT IN DIFFERENT ASU, RELATED VIA A CRYSTALLOGRAPHIC SYMMETRY AXIS
;
2 water   nat water                                18.015    27 ? ? ?                                ? 
# 
_entity_name_com.entity_id   1 
_entity_name_com.name        
'SUMO-2, HSMT3, SMT3 HOMOLOG 2, SUMO-3, SENTRIN-2, SMT3A, UBIQUITIN-LIKE PROTEIN SMT3A, SMALL UBIQUITIN-LIKE MODIFER 2' 
# 
_entity_poly.entity_id                      1 
_entity_poly.type                           'polypeptide(L)' 
_entity_poly.nstd_linkage                   no 
_entity_poly.nstd_monomer                   no 
_entity_poly.pdbx_seq_one_letter_code       
;GSTENNDHINLKVAGQDGSVVQFKIKRHTPLSKLMKAYCERQGLSMRQIRFRFDGQPINETDTPAQLEMEDEDTIDVFQQ
QTGGRSTENNDHINLKVAGQDGSVVQFKIKRHTPLSKLMKAYCERQGLSMRQIRFRFDGQPINETDTPAQLEMEDEDTID
VFQQQTGG
;
_entity_poly.pdbx_seq_one_letter_code_can   
;GSTENNDHINLKVAGQDGSVVQFKIKRHTPLSKLMKAYCERQGLSMRQIRFRFDGQPINETDTPAQLEMEDEDTIDVFQQ
QTGGRSTENNDHINLKVAGQDGSVVQFKIKRHTPLSKLMKAYCERQGLSMRQIRFRFDGQPINETDTPAQLEMEDEDTID
VFQQQTGG
;
_entity_poly.pdbx_strand_id                 A 
_entity_poly.pdbx_target_identifier         ? 
# 
loop_
_entity_poly_seq.entity_id 
_entity_poly_seq.num 
_entity_poly_seq.mon_id 
_entity_poly_seq.hetero 
1 1   GLY n 
1 2   SER n 
1 3   THR n 
1 4   GLU n 
1 5   ASN n 
1 6   ASN n 
1 7   ASP n 
1 8   HIS n 
1 9   ILE n 
1 10  ASN n 
1 11  LEU n 
1 12  LYS n 
1 13  VAL n 
1 14  ALA n 
1 15  GLY n 
1 16  GLN n 
1 17  ASP n 
1 18  GLY n 
1 19  SER n 
1 20  VAL n 
1 21  VAL n 
1 22  GLN n 
1 23  PHE n 
1 24  LYS n 
1 25  ILE n 
1 26  LYS n 
1 27  ARG n 
1 28  HIS n 
1 29  THR n 
1 30  PRO n 
1 31  LEU n 
1 32  SER n 
1 33  LYS n 
1 34  LEU n 
1 35  MET n 
1 36  LYS n 
1 37  ALA n 
1 38  TYR n 
1 39  CYS n 
1 40  GLU n 
1 41  ARG n 
1 42  GLN n 
1 43  GLY n 
1 44  LEU n 
1 45  SER n 
1 46  MET n 
1 47  ARG n 
1 48  GLN n 
1 49  ILE n 
1 50  ARG n 
1 51  PHE n 
1 52  ARG n 
1 53  PHE n 
1 54  ASP n 
1 55  GLY n 
1 56  GLN n 
1 57  PRO n 
1 58  ILE n 
1 59  ASN n 
1 60  GLU n 
1 61  THR n 
1 62  ASP n 
1 63  THR n 
1 64  PRO n 
1 65  ALA n 
1 66  GLN n 
1 67  LEU n 
1 68  GLU n 
1 69  MET n 
1 70  GLU n 
1 71  ASP n 
1 72  GLU n 
1 73  ASP n 
1 74  THR n 
1 75  ILE n 
1 76  ASP n 
1 77  VAL n 
1 78  PHE n 
1 79  GLN n 
1 80  GLN n 
1 81  GLN n 
1 82  THR n 
1 83  GLY n 
1 84  GLY n 
1 85  ARG n 
1 86  SER n 
1 87  THR n 
1 88  GLU n 
1 89  ASN n 
1 90  ASN n 
1 91  ASP n 
1 92  HIS n 
1 93  ILE n 
1 94  ASN n 
1 95  LEU n 
1 96  LYS n 
1 97  VAL n 
1 98  ALA n 
1 99  GLY n 
1 100 GLN n 
1 101 ASP n 
1 102 GLY n 
1 103 SER n 
1 104 VAL n 
1 105 VAL n 
1 106 GLN n 
1 107 PHE n 
1 108 LYS n 
1 109 ILE n 
1 110 LYS n 
1 111 ARG n 
1 112 HIS n 
1 113 THR n 
1 114 PRO n 
1 115 LEU n 
1 116 SER n 
1 117 LYS n 
1 118 LEU n 
1 119 MET n 
1 120 LYS n 
1 121 ALA n 
1 122 TYR n 
1 123 CYS n 
1 124 GLU n 
1 125 ARG n 
1 126 GLN n 
1 127 GLY n 
1 128 LEU n 
1 129 SER n 
1 130 MET n 
1 131 ARG n 
1 132 GLN n 
1 133 ILE n 
1 134 ARG n 
1 135 PHE n 
1 136 ARG n 
1 137 PHE n 
1 138 ASP n 
1 139 GLY n 
1 140 GLN n 
1 141 PRO n 
1 142 ILE n 
1 143 ASN n 
1 144 GLU n 
1 145 THR n 
1 146 ASP n 
1 147 THR n 
1 148 PRO n 
1 149 ALA n 
1 150 GLN n 
1 151 LEU n 
1 152 GLU n 
1 153 MET n 
1 154 GLU n 
1 155 ASP n 
1 156 GLU n 
1 157 ASP n 
1 158 THR n 
1 159 ILE n 
1 160 ASP n 
1 161 VAL n 
1 162 PHE n 
1 163 GLN n 
1 164 GLN n 
1 165 GLN n 
1 166 THR n 
1 167 GLY n 
1 168 GLY n 
# 
_entity_src_gen.entity_id                          1 
_entity_src_gen.pdbx_src_id                        1 
_entity_src_gen.pdbx_alt_source_flag               sample 
_entity_src_gen.pdbx_seq_type                      ? 
_entity_src_gen.pdbx_beg_seq_num                   ? 
_entity_src_gen.pdbx_end_seq_num                   ? 
_entity_src_gen.gene_src_common_name               HUMAN 
_entity_src_gen.gene_src_genus                     ? 
_entity_src_gen.pdbx_gene_src_gene                 ? 
_entity_src_gen.gene_src_species                   ? 
_entity_src_gen.gene_src_strain                    ? 
_entity_src_gen.gene_src_tissue                    ? 
_entity_src_gen.gene_src_tissue_fraction           ? 
_entity_src_gen.gene_src_details                   ? 
_entity_src_gen.pdbx_gene_src_fragment             ? 
_entity_src_gen.pdbx_gene_src_scientific_name      'HOMO SAPIENS' 
_entity_src_gen.pdbx_gene_src_ncbi_taxonomy_id     9606 
_entity_src_gen.pdbx_gene_src_variant              ? 
_entity_src_gen.pdbx_gene_src_cell_line            ? 
_entity_src_gen.pdbx_gene_src_atcc                 ? 
_entity_src_gen.pdbx_gene_src_organ                ? 
_entity_src_gen.pdbx_gene_src_organelle            ? 
_entity_src_gen.pdbx_gene_src_cell                 ? 
_entity_src_gen.pdbx_gene_src_cellular_location    ? 
_entity_src_gen.host_org_common_name               ? 
_entity_src_gen.pdbx_host_org_scientific_name      'ESCHERICHIA COLI' 
_entity_src_gen.pdbx_host_org_ncbi_taxonomy_id     562 
_entity_src_gen.host_org_genus                     ? 
_entity_src_gen.pdbx_host_org_gene                 ? 
_entity_src_gen.pdbx_host_org_organ                ? 
_entity_src_gen.host_org_species                   ? 
_entity_src_gen.pdbx_host_org_tissue               ? 
_entity_src_gen.pdbx_host_org_tissue_fraction      ? 
_entity_src_gen.pdbx_host_org_strain               ? 
_entity_src_gen.pdbx_host_org_variant              ? 
_entity_src_gen.pdbx_host_org_cell_line            ? 
_entity_src_gen.pdbx_host_org_atcc                 ? 
_entity_src_gen.pdbx_host_org_culture_collection   ? 
_entity_src_gen.pdbx_host_org_cell                 ? 
_entity_src_gen.pdbx_host_org_organelle            ? 
_entity_src_gen.pdbx_host_org_cellular_location    ? 
_entity_src_gen.pdbx_host_org_vector_type          PLASMID 
_entity_src_gen.pdbx_host_org_vector               ? 
_entity_src_gen.host_org_details                   ? 
_entity_src_gen.expression_system_id               ? 
_entity_src_gen.plasmid_name                       PGEX-4T2 
_entity_src_gen.plasmid_details                    ? 
_entity_src_gen.pdbx_description                   ? 
# 
_struct_ref.id                         1 
_struct_ref.db_name                    UNP 
_struct_ref.db_code                    SUMO2_HUMAN 
_struct_ref.entity_id                  1 
_struct_ref.pdbx_seq_one_letter_code   ? 
_struct_ref.pdbx_align_begin           ? 
_struct_ref.pdbx_db_accession          P61956 
_struct_ref.pdbx_db_isoform            ? 
# 
loop_
_struct_ref_seq.align_id 
_struct_ref_seq.ref_id 
_struct_ref_seq.pdbx_PDB_id_code 
_struct_ref_seq.pdbx_strand_id 
_struct_ref_seq.seq_align_beg 
_struct_ref_seq.pdbx_seq_align_beg_ins_code 
_struct_ref_seq.seq_align_end 
_struct_ref_seq.pdbx_seq_align_end_ins_code 
_struct_ref_seq.pdbx_db_accession 
_struct_ref_seq.db_align_beg 
_struct_ref_seq.pdbx_db_align_beg_ins_code 
_struct_ref_seq.db_align_end 
_struct_ref_seq.pdbx_db_align_end_ins_code 
_struct_ref_seq.pdbx_auth_seq_align_beg 
_struct_ref_seq.pdbx_auth_seq_align_end 
1 1 4BKG A 3  ? 84  ? P61956 12 ? 93 ? 12 93  
2 1 4BKG A 87 ? 168 ? P61956 12 ? 93 ? 96 177 
# 
loop_
_struct_ref_seq_dif.align_id 
_struct_ref_seq_dif.pdbx_pdb_id_code 
_struct_ref_seq_dif.mon_id 
_struct_ref_seq_dif.pdbx_pdb_strand_id 
_struct_ref_seq_dif.seq_num 
_struct_ref_seq_dif.pdbx_pdb_ins_code 
_struct_ref_seq_dif.pdbx_seq_db_name 
_struct_ref_seq_dif.pdbx_seq_db_accession_code 
_struct_ref_seq_dif.db_mon_id 
_struct_ref_seq_dif.pdbx_seq_db_seq_num 
_struct_ref_seq_dif.details 
_struct_ref_seq_dif.pdbx_auth_seq_num 
_struct_ref_seq_dif.pdbx_ordinal 
1 4BKG GLY A 1  ? UNP P61956 ? ? 'expression tag' 10 1 
1 4BKG SER A 2  ? UNP P61956 ? ? 'expression tag' 11 2 
1 4BKG ARG A 85 ? UNP P61956 ? ? linker           94 3 
1 4BKG SER A 86 ? UNP P61956 ? ? linker           95 4 
# 
loop_
_chem_comp.id 
_chem_comp.type 
_chem_comp.mon_nstd_flag 
_chem_comp.name 
_chem_comp.pdbx_synonyms 
_chem_comp.formula 
_chem_comp.formula_weight 
ALA 'L-peptide linking' y ALANINE         ? 'C3 H7 N O2'     89.093  
ARG 'L-peptide linking' y ARGININE        ? 'C6 H15 N4 O2 1' 175.209 
ASN 'L-peptide linking' y ASPARAGINE      ? 'C4 H8 N2 O3'    132.118 
ASP 'L-peptide linking' y 'ASPARTIC ACID' ? 'C4 H7 N O4'     133.103 
CYS 'L-peptide linking' y CYSTEINE        ? 'C3 H7 N O2 S'   121.158 
GLN 'L-peptide linking' y GLUTAMINE       ? 'C5 H10 N2 O3'   146.144 
GLU 'L-peptide linking' y 'GLUTAMIC ACID' ? 'C5 H9 N O4'     147.129 
GLY 'peptide linking'   y GLYCINE         ? 'C2 H5 N O2'     75.067  
HIS 'L-peptide linking' y HISTIDINE       ? 'C6 H10 N3 O2 1' 156.162 
HOH non-polymer         . WATER           ? 'H2 O'           18.015  
ILE 'L-peptide linking' y ISOLEUCINE      ? 'C6 H13 N O2'    131.173 
LEU 'L-peptide linking' y LEUCINE         ? 'C6 H13 N O2'    131.173 
LYS 'L-peptide linking' y LYSINE          ? 'C6 H15 N2 O2 1' 147.195 
MET 'L-peptide linking' y METHIONINE      ? 'C5 H11 N O2 S'  149.211 
PHE 'L-peptide linking' y PHENYLALANINE   ? 'C9 H11 N O2'    165.189 
PRO 'L-peptide linking' y PROLINE         ? 'C5 H9 N O2'     115.130 
SER 'L-peptide linking' y SERINE          ? 'C3 H7 N O3'     105.093 
THR 'L-peptide linking' y THREONINE       ? 'C4 H9 N O3'     119.119 
TYR 'L-peptide linking' y TYROSINE        ? 'C9 H11 N O3'    181.189 
VAL 'L-peptide linking' y VALINE          ? 'C5 H11 N O2'    117.146 
# 
_exptl.entry_id          4BKG 
_exptl.method            'X-RAY DIFFRACTION' 
_exptl.crystals_number   1 
# 
_exptl_crystal.id                    1 
_exptl_crystal.density_meas          ? 
_exptl_crystal.density_Matthews      1.89 
_exptl_crystal.density_percent_sol   34.91 
_exptl_crystal.description           NONE 
_exptl_crystal.preparation           ? 
# 
_exptl_crystal_grow.crystal_id      1 
_exptl_crystal_grow.method          ? 
_exptl_crystal_grow.temp            ? 
_exptl_crystal_grow.temp_details    ? 
_exptl_crystal_grow.pH              8.0 
_exptl_crystal_grow.pdbx_pH_range   ? 
_exptl_crystal_grow.pdbx_details    '0.1 M TRIS/HCL PH 8.0, 28% PEG 350MME,0.05% DIOXANE' 
# 
_diffrn.id                     1 
_diffrn.ambient_temp           100 
_diffrn.ambient_temp_details   ? 
_diffrn.crystal_id             1 
# 
_diffrn_detector.diffrn_id              1 
_diffrn_detector.detector               CCD 
_diffrn_detector.type                   'OXFORD DIFFRACTION' 
_diffrn_detector.pdbx_collection_date   2013-01-24 
_diffrn_detector.details                NOVA 
# 
_diffrn_radiation.diffrn_id                        1 
_diffrn_radiation.wavelength_id                    1 
_diffrn_radiation.pdbx_monochromatic_or_laue_m_l   M 
_diffrn_radiation.monochromator                    ? 
_diffrn_radiation.pdbx_diffrn_protocol             'SINGLE WAVELENGTH' 
_diffrn_radiation.pdbx_scattering_type             x-ray 
# 
_diffrn_radiation_wavelength.id           1 
_diffrn_radiation_wavelength.wavelength   1.5406 
_diffrn_radiation_wavelength.wt           1.0 
# 
_diffrn_source.diffrn_id                   1 
_diffrn_source.source                      'SEALED TUBE' 
_diffrn_source.type                        'OXFORD DIFFRACTION NOVA' 
_diffrn_source.pdbx_synchrotron_site       ? 
_diffrn_source.pdbx_synchrotron_beamline   ? 
_diffrn_source.pdbx_wavelength             1.5406 
_diffrn_source.pdbx_wavelength_list        1.5406 
# 
_reflns.pdbx_diffrn_id               1 
_reflns.pdbx_ordinal                 1 
_reflns.entry_id                     4BKG 
_reflns.observed_criterion_sigma_I   2.0 
_reflns.observed_criterion_sigma_F   ? 
_reflns.d_resolution_low             23.24 
_reflns.d_resolution_high            2.10 
_reflns.number_obs                   3842 
_reflns.number_all                   ? 
_reflns.percent_possible_obs         94.8 
_reflns.pdbx_Rmerge_I_obs            0.06 
_reflns.pdbx_Rsym_value              ? 
_reflns.pdbx_netI_over_sigmaI        12.50 
_reflns.B_iso_Wilson_estimate        ? 
_reflns.pdbx_redundancy              2.8 
# 
_reflns_shell.pdbx_diffrn_id         1 
_reflns_shell.pdbx_ordinal           1 
_reflns_shell.d_res_high             2.10 
_reflns_shell.d_res_low              2.17 
_reflns_shell.percent_possible_all   73.9 
_reflns_shell.Rmerge_I_obs           0.44 
_reflns_shell.pdbx_Rsym_value        ? 
_reflns_shell.meanI_over_sigI_obs    1.90 
_reflns_shell.pdbx_redundancy        1.4 
# 
_refine.pdbx_refine_id                           'X-RAY DIFFRACTION' 
_refine.entry_id                                 4BKG 
_refine.pdbx_diffrn_id                           1 
_refine.pdbx_TLS_residual_ADP_flag               ? 
_refine.ls_number_reflns_obs                     3668 
_refine.ls_number_reflns_all                     ? 
_refine.pdbx_ls_sigma_I                          ? 
_refine.pdbx_ls_sigma_F                          . 
_refine.pdbx_data_cutoff_high_absF               ? 
_refine.pdbx_data_cutoff_low_absF                ? 
_refine.pdbx_data_cutoff_high_rms_absF           ? 
_refine.ls_d_res_low                             19.76 
_refine.ls_d_res_high                            2.11 
_refine.ls_percent_reflns_obs                    94.79 
_refine.ls_R_factor_obs                          0.18092 
_refine.ls_R_factor_all                          ? 
_refine.ls_R_factor_R_work                       0.17872 
_refine.ls_R_factor_R_free                       0.23074 
_refine.ls_R_factor_R_free_error                 ? 
_refine.ls_R_factor_R_free_error_details         ? 
_refine.ls_percent_reflns_R_free                 4.5 
_refine.ls_number_reflns_R_free                  171 
_refine.ls_number_parameters                     ? 
_refine.ls_number_restraints                     ? 
_refine.occupancy_min                            ? 
_refine.occupancy_max                            ? 
_refine.correlation_coeff_Fo_to_Fc               0.951 
_refine.correlation_coeff_Fo_to_Fc_free          0.918 
_refine.B_iso_mean                               27.678 
_refine.aniso_B[1][1]                            -0.39 
_refine.aniso_B[2][2]                            -0.39 
_refine.aniso_B[3][3]                            1.28 
_refine.aniso_B[1][2]                            -0.39 
_refine.aniso_B[1][3]                            0.00 
_refine.aniso_B[2][3]                            0.00 
_refine.solvent_model_details                    MASK 
_refine.solvent_model_param_ksol                 ? 
_refine.solvent_model_param_bsol                 ? 
_refine.pdbx_solvent_vdw_probe_radii             1.20 
_refine.pdbx_solvent_ion_probe_radii             0.80 
_refine.pdbx_solvent_shrinkage_radii             0.80 
_refine.pdbx_ls_cross_valid_method               THROUGHOUT 
_refine.details                                  
;HYDROGENS HAVE BEEN ADDED IN THE RIDING POSITIONS. RESIDUES 17-89 MAKE UP THE CONTENT OF THE ASU. RESIDUES 101-173 ARE IDENTICAL TO RESIDUES 17-89, AND SEGMENTED INTO DIFFERENT ASU VIA A CRYSTALLOGRAPHIC SYMMETRY AXIS. THE GAP OF APPROX. 14 A BETWEEN THE C-TERMINUS OF A MOLECULE IN A ASU TO THE N-TERMINUS OF A SYMMETRY-RELATED MOLECULE IN THE ADJACENT ASU CAN BE FILLED BY 11 RESIDUES FROM THE LINKER (90-100) WHICH ARE DELOCALIZED. THE TERMINAL RESIDUES 10-16 AND 174-177 ARE FLEXIBLE AND NOT OBSERVED IN THE CRYSTAL STRUCTURE.
;
_refine.pdbx_starting_model                      'PDB ENTRY 1WM3' 
_refine.pdbx_method_to_determine_struct          'MOLECULAR REPLACEMENT' 
_refine.pdbx_isotropic_thermal_model             ? 
_refine.pdbx_stereochemistry_target_values       'MAXIMUM LIKELIHOOD' 
_refine.pdbx_stereochem_target_val_spec_case     ? 
_refine.pdbx_R_Free_selection_details            RANDOM 
_refine.pdbx_overall_ESU_R                       0.287 
_refine.pdbx_overall_ESU_R_Free                  0.208 
_refine.overall_SU_ML                            0.140 
_refine.pdbx_overall_phase_error                 ? 
_refine.overall_SU_B                             5.426 
_refine.overall_SU_R_Cruickshank_DPI             ? 
_refine.pdbx_overall_SU_R_free_Cruickshank_DPI   ? 
_refine.pdbx_overall_SU_R_Blow_DPI               ? 
_refine.pdbx_overall_SU_R_free_Blow_DPI          ? 
# 
_refine_hist.pdbx_refine_id                   'X-RAY DIFFRACTION' 
_refine_hist.cycle_id                         LAST 
_refine_hist.pdbx_number_atoms_protein        585 
_refine_hist.pdbx_number_atoms_nucleic_acid   0 
_refine_hist.pdbx_number_atoms_ligand         0 
_refine_hist.number_atoms_solvent             27 
_refine_hist.number_atoms_total               612 
_refine_hist.d_res_high                       2.11 
_refine_hist.d_res_low                        19.76 
# 
loop_
_refine_ls_restr.type 
_refine_ls_restr.dev_ideal 
_refine_ls_restr.dev_ideal_target 
_refine_ls_restr.weight 
_refine_ls_restr.number 
_refine_ls_restr.pdbx_refine_id 
_refine_ls_restr.pdbx_restraint_function 
r_bond_refined_d             0.019  0.019  ? 612  'X-RAY DIFFRACTION' ? 
r_bond_other_d               0.001  0.020  ? 588  'X-RAY DIFFRACTION' ? 
r_angle_refined_deg          1.879  1.957  ? 824  'X-RAY DIFFRACTION' ? 
r_angle_other_deg            0.917  3.000  ? 1357 'X-RAY DIFFRACTION' ? 
r_dihedral_angle_1_deg       6.814  5.000  ? 76   'X-RAY DIFFRACTION' ? 
r_dihedral_angle_2_deg       36.978 25.312 ? 32   'X-RAY DIFFRACTION' ? 
r_dihedral_angle_3_deg       18.805 15.000 ? 118  'X-RAY DIFFRACTION' ? 
r_dihedral_angle_4_deg       25.625 15.000 ? 4    'X-RAY DIFFRACTION' ? 
r_chiral_restr               0.104  0.200  ? 89   'X-RAY DIFFRACTION' ? 
r_gen_planes_refined         0.009  0.021  ? 706  'X-RAY DIFFRACTION' ? 
r_gen_planes_other           0.002  0.020  ? 143  'X-RAY DIFFRACTION' ? 
r_nbd_refined                ?      ?      ? ?    'X-RAY DIFFRACTION' ? 
r_nbd_other                  ?      ?      ? ?    'X-RAY DIFFRACTION' ? 
r_nbtor_refined              ?      ?      ? ?    'X-RAY DIFFRACTION' ? 
r_nbtor_other                ?      ?      ? ?    'X-RAY DIFFRACTION' ? 
r_xyhbond_nbd_refined        ?      ?      ? ?    'X-RAY DIFFRACTION' ? 
r_xyhbond_nbd_other          ?      ?      ? ?    'X-RAY DIFFRACTION' ? 
r_metal_ion_refined          ?      ?      ? ?    'X-RAY DIFFRACTION' ? 
r_metal_ion_other            ?      ?      ? ?    'X-RAY DIFFRACTION' ? 
r_symmetry_vdw_refined       ?      ?      ? ?    'X-RAY DIFFRACTION' ? 
r_symmetry_vdw_other         ?      ?      ? ?    'X-RAY DIFFRACTION' ? 
r_symmetry_hbond_refined     ?      ?      ? ?    'X-RAY DIFFRACTION' ? 
r_symmetry_hbond_other       ?      ?      ? ?    'X-RAY DIFFRACTION' ? 
r_symmetry_metal_ion_refined ?      ?      ? ?    'X-RAY DIFFRACTION' ? 
r_symmetry_metal_ion_other   ?      ?      ? ?    'X-RAY DIFFRACTION' ? 
r_mcbond_it                  ?      ?      ? ?    'X-RAY DIFFRACTION' ? 
r_mcbond_other               ?      ?      ? ?    'X-RAY DIFFRACTION' ? 
r_mcangle_it                 ?      ?      ? ?    'X-RAY DIFFRACTION' ? 
r_mcangle_other              ?      ?      ? ?    'X-RAY DIFFRACTION' ? 
r_scbond_it                  ?      ?      ? ?    'X-RAY DIFFRACTION' ? 
r_scbond_other               ?      ?      ? ?    'X-RAY DIFFRACTION' ? 
r_scangle_it                 ?      ?      ? ?    'X-RAY DIFFRACTION' ? 
r_scangle_other              ?      ?      ? ?    'X-RAY DIFFRACTION' ? 
r_long_range_B_refined       ?      ?      ? ?    'X-RAY DIFFRACTION' ? 
r_long_range_B_other         ?      ?      ? ?    'X-RAY DIFFRACTION' ? 
r_rigid_bond_restr           ?      ?      ? ?    'X-RAY DIFFRACTION' ? 
r_sphericity_free            ?      ?      ? ?    'X-RAY DIFFRACTION' ? 
r_sphericity_bonded          ?      ?      ? ?    'X-RAY DIFFRACTION' ? 
# 
_refine_ls_shell.pdbx_refine_id                   'X-RAY DIFFRACTION' 
_refine_ls_shell.pdbx_total_number_of_bins_used   20 
_refine_ls_shell.d_res_high                       2.106 
_refine_ls_shell.d_res_low                        2.160 
_refine_ls_shell.number_reflns_R_work             217 
_refine_ls_shell.R_factor_R_work                  0.244 
_refine_ls_shell.percent_reflns_obs               72.73 
_refine_ls_shell.R_factor_R_free                  0.195 
_refine_ls_shell.R_factor_R_free_error            ? 
_refine_ls_shell.percent_reflns_R_free            ? 
_refine_ls_shell.number_reflns_R_free             7 
_refine_ls_shell.number_reflns_all                ? 
_refine_ls_shell.R_factor_all                     ? 
# 
_struct.entry_id                  4BKG 
_struct.title                     'crystal structure of human diSUMO-2' 
_struct.pdbx_model_details        ? 
_struct.pdbx_CASP_flag            ? 
_struct.pdbx_model_type_details   ? 
# 
_struct_keywords.entry_id        4BKG 
_struct_keywords.pdbx_keywords   'PROTEIN BINDING' 
_struct_keywords.text            'PROTEIN BINDING' 
# 
loop_
_struct_asym.id 
_struct_asym.pdbx_blank_PDB_chainid_flag 
_struct_asym.pdbx_modified 
_struct_asym.entity_id 
_struct_asym.details 
A N N 1 ? 
B N N 2 ? 
# 
_struct_biol.id        1 
_struct_biol.details   
;THE PROTEIN CHAIN IS SEGMENTED INTO DIFFERENT               
 ASUS VIA A CRYSTALLOGRAPHIC SYMMETRY AXIS. THUS THE DIMERIC          
 ASSEMBLY IS ACTUALLY A MONOMER IN WHICH THE HALVES ARE               
 RELATED BY SYMMETRY AND LINKED VIA AN UNOBSERVED LINKER
;
# 
loop_
_struct_conf.conf_type_id 
_struct_conf.id 
_struct_conf.pdbx_PDB_helix_id 
_struct_conf.beg_label_comp_id 
_struct_conf.beg_label_asym_id 
_struct_conf.beg_label_seq_id 
_struct_conf.pdbx_beg_PDB_ins_code 
_struct_conf.end_label_comp_id 
_struct_conf.end_label_asym_id 
_struct_conf.end_label_seq_id 
_struct_conf.pdbx_end_PDB_ins_code 
_struct_conf.beg_auth_comp_id 
_struct_conf.beg_auth_asym_id 
_struct_conf.beg_auth_seq_id 
_struct_conf.end_auth_comp_id 
_struct_conf.end_auth_asym_id 
_struct_conf.end_auth_seq_id 
_struct_conf.pdbx_PDB_helix_class 
_struct_conf.details 
_struct_conf.pdbx_PDB_helix_length 
HELX_P HELX_P1 1 LEU A 31 ? GLY A 43 ? LEU A 40 GLY A 52 1 ? 13 
HELX_P HELX_P2 2 SER A 45 ? ARG A 47 ? SER A 54 ARG A 56 5 ? 3  
# 
_struct_conf_type.id          HELX_P 
_struct_conf_type.criteria    ? 
_struct_conf_type.reference   ? 
# 
_struct_sheet.id               AA 
_struct_sheet.type             ? 
_struct_sheet.number_strands   5 
_struct_sheet.details          ? 
# 
loop_
_struct_sheet_order.sheet_id 
_struct_sheet_order.range_id_1 
_struct_sheet_order.range_id_2 
_struct_sheet_order.offset 
_struct_sheet_order.sense 
AA 1 2 ? anti-parallel 
AA 2 3 ? parallel      
AA 3 4 ? anti-parallel 
AA 4 5 ? anti-parallel 
# 
loop_
_struct_sheet_range.sheet_id 
_struct_sheet_range.id 
_struct_sheet_range.beg_label_comp_id 
_struct_sheet_range.beg_label_asym_id 
_struct_sheet_range.beg_label_seq_id 
_struct_sheet_range.pdbx_beg_PDB_ins_code 
_struct_sheet_range.end_label_comp_id 
_struct_sheet_range.end_label_asym_id 
_struct_sheet_range.end_label_seq_id 
_struct_sheet_range.pdbx_end_PDB_ins_code 
_struct_sheet_range.beg_auth_comp_id 
_struct_sheet_range.beg_auth_asym_id 
_struct_sheet_range.beg_auth_seq_id 
_struct_sheet_range.end_auth_comp_id 
_struct_sheet_range.end_auth_asym_id 
_struct_sheet_range.end_auth_seq_id 
AA 1 VAL A 20 ? ILE A 25 ? VAL A 29 ILE A 34 
AA 2 ILE A 9  ? ALA A 14 ? ILE A 18 ALA A 23 
AA 3 ASP A 73 ? GLN A 79 ? ASP A 82 GLN A 88 
AA 4 ILE A 49 ? PHE A 53 ? ILE A 58 PHE A 62 
AA 5 GLN A 56 ? PRO A 57 ? GLN A 65 PRO A 66 
# 
loop_
_pdbx_struct_sheet_hbond.sheet_id 
_pdbx_struct_sheet_hbond.range_id_1 
_pdbx_struct_sheet_hbond.range_id_2 
_pdbx_struct_sheet_hbond.range_1_label_atom_id 
_pdbx_struct_sheet_hbond.range_1_label_comp_id 
_pdbx_struct_sheet_hbond.range_1_label_asym_id 
_pdbx_struct_sheet_hbond.range_1_label_seq_id 
_pdbx_struct_sheet_hbond.range_1_PDB_ins_code 
_pdbx_struct_sheet_hbond.range_1_auth_atom_id 
_pdbx_struct_sheet_hbond.range_1_auth_comp_id 
_pdbx_struct_sheet_hbond.range_1_auth_asym_id 
_pdbx_struct_sheet_hbond.range_1_auth_seq_id 
_pdbx_struct_sheet_hbond.range_2_label_atom_id 
_pdbx_struct_sheet_hbond.range_2_label_comp_id 
_pdbx_struct_sheet_hbond.range_2_label_asym_id 
_pdbx_struct_sheet_hbond.range_2_label_seq_id 
_pdbx_struct_sheet_hbond.range_2_PDB_ins_code 
_pdbx_struct_sheet_hbond.range_2_auth_atom_id 
_pdbx_struct_sheet_hbond.range_2_auth_comp_id 
_pdbx_struct_sheet_hbond.range_2_auth_asym_id 
_pdbx_struct_sheet_hbond.range_2_auth_seq_id 
AA 1 2 N ILE A 25 ? N ILE A 34 O ILE A 9  ? O ILE A 18 
AA 2 3 N LYS A 12 ? N LYS A 21 O ASP A 73 ? O ASP A 82 
AA 3 4 N PHE A 78 ? N PHE A 87 O ARG A 50 ? O ARG A 59 
AA 4 5 N PHE A 53 ? N PHE A 62 O GLN A 56 ? O GLN A 65 
# 
_atom_sites.entry_id                    4BKG 
_atom_sites.fract_transf_matrix[1][1]   0.00182885 
_atom_sites.fract_transf_matrix[1][2]   -0.00532643 
_atom_sites.fract_transf_matrix[1][3]   -0.01433113 
_atom_sites.fract_transf_matrix[2][1]   -0.01160306 
_atom_sites.fract_transf_matrix[2][2]   0.00088951 
_atom_sites.fract_transf_matrix[2][3]   -0.01008346 
_atom_sites.fract_transf_matrix[3][1]   0.00972903 
_atom_sites.fract_transf_matrix[3][2]   0.02704331 
_atom_sites.fract_transf_matrix[3][3]   -0.00880958 
_atom_sites.fract_transf_vector[1]      -0.122790 
_atom_sites.fract_transf_vector[2]      -0.210922 
_atom_sites.fract_transf_vector[3]      -0.174922 
# 
loop_
_atom_type.symbol 
C 
N 
O 
S 
# 
loop_
_atom_site.group_PDB 
_atom_site.id 
_atom_site.type_symbol 
_atom_site.label_atom_id 
_atom_site.label_alt_id 
_atom_site.label_comp_id 
_atom_site.label_asym_id 
_atom_site.label_entity_id 
_atom_site.label_seq_id 
_atom_site.pdbx_PDB_ins_code 
_atom_site.Cartn_x 
_atom_site.Cartn_y 
_atom_site.Cartn_z 
_atom_site.occupancy 
_atom_site.B_iso_or_equiv 
_atom_site.pdbx_formal_charge 
_atom_site.auth_seq_id 
_atom_site.auth_comp_id 
_atom_site.auth_asym_id 
_atom_site.auth_atom_id 
_atom_site.pdbx_PDB_model_num 
ATOM   1   N N   . HIS A 1 8  ? -6.753  13.956  2.394   1.00 28.99 ? 17   HIS A N   1 
ATOM   2   C CA  . HIS A 1 8  ? -6.545  12.625  1.703   1.00 29.86 ? 17   HIS A CA  1 
ATOM   3   C C   . HIS A 1 8  ? -5.543  12.689  0.559   1.00 29.19 ? 17   HIS A C   1 
ATOM   4   O O   . HIS A 1 8  ? -5.628  13.561  -0.299  1.00 28.72 ? 17   HIS A O   1 
ATOM   5   C CB  . HIS A 1 8  ? -7.857  12.001  1.168   1.00 30.11 ? 17   HIS A CB  1 
ATOM   6   C CG  . HIS A 1 8  ? -8.748  11.399  2.223   1.00 27.96 ? 17   HIS A CG  1 
ATOM   7   N ND1 . HIS A 1 8  ? -9.854  12.047  2.741   1.00 28.36 ? 17   HIS A ND1 1 
ATOM   8   C CD2 . HIS A 1 8  ? -8.718  10.182  2.820   1.00 27.74 ? 17   HIS A CD2 1 
ATOM   9   C CE1 . HIS A 1 8  ? -10.451 11.262  3.629   1.00 27.51 ? 17   HIS A CE1 1 
ATOM   10  N NE2 . HIS A 1 8  ? -9.776  10.123  3.697   1.00 27.62 ? 17   HIS A NE2 1 
ATOM   11  N N   . ILE A 1 9  ? -4.616  11.728  0.526   1.00 28.59 ? 18   ILE A N   1 
ATOM   12  C CA  . ILE A 1 9  ? -3.809  11.497  -0.674  1.00 26.66 ? 18   ILE A CA  1 
ATOM   13  C C   . ILE A 1 9  ? -4.262  10.246  -1.401  1.00 22.95 ? 18   ILE A C   1 
ATOM   14  O O   . ILE A 1 9  ? -4.694  9.324   -0.782  1.00 23.25 ? 18   ILE A O   1 
ATOM   15  C CB  . ILE A 1 9  ? -2.284  11.511  -0.411  1.00 27.51 ? 18   ILE A CB  1 
ATOM   16  C CG1 . ILE A 1 9  ? -1.820  10.421  0.521   1.00 27.74 ? 18   ILE A CG1 1 
ATOM   17  C CG2 . ILE A 1 9  ? -1.878  12.848  0.189   1.00 32.07 ? 18   ILE A CG2 1 
ATOM   18  C CD1 . ILE A 1 9  ? -0.328  10.226  0.428   1.00 28.34 ? 18   ILE A CD1 1 
ATOM   19  N N   . ASN A 1 10 ? -4.175  10.268  -2.726  1.00 22.52 ? 19   ASN A N   1 
ATOM   20  C CA  . ASN A 1 10 ? -4.490  9.112   -3.575  1.00 22.13 ? 19   ASN A CA  1 
ATOM   21  C C   . ASN A 1 10 ? -3.234  8.349   -3.789  1.00 20.67 ? 19   ASN A C   1 
ATOM   22  O O   . ASN A 1 10 ? -2.183  8.960   -3.957  1.00 17.59 ? 19   ASN A O   1 
ATOM   23  C CB  . ASN A 1 10 ? -5.075  9.492   -4.944  1.00 23.78 ? 19   ASN A CB  1 
ATOM   24  C CG  . ASN A 1 10 ? -6.330  10.361  -4.818  1.00 25.17 ? 19   ASN A CG  1 
ATOM   25  O OD1 . ASN A 1 10 ? -7.353  9.944   -4.277  1.00 24.01 ? 19   ASN A OD1 1 
ATOM   26  N ND2 . ASN A 1 10 ? -6.217  11.599  -5.261  1.00 28.31 ? 19   ASN A ND2 1 
ATOM   27  N N   . LEU A 1 11 ? -3.361  7.013   -3.679  1.00 19.04 ? 20   LEU A N   1 
ATOM   28  C CA  . LEU A 1 11 ? -2.230  6.095   -3.861  1.00 18.88 ? 20   LEU A CA  1 
ATOM   29  C C   . LEU A 1 11 ? -2.613  4.956   -4.750  1.00 16.85 ? 20   LEU A C   1 
ATOM   30  O O   . LEU A 1 11 ? -3.713  4.513   -4.699  1.00 17.98 ? 20   LEU A O   1 
ATOM   31  C CB  . LEU A 1 11 ? -1.723  5.531   -2.515  1.00 18.98 ? 20   LEU A CB  1 
ATOM   32  C CG  . LEU A 1 11 ? -1.143  6.529   -1.496  1.00 18.88 ? 20   LEU A CG  1 
ATOM   33  C CD1 . LEU A 1 11 ? -0.873  5.875   -0.174  1.00 20.20 ? 20   LEU A CD1 1 
ATOM   34  C CD2 . LEU A 1 11 ? 0.111   7.181   -2.026  1.00 18.72 ? 20   LEU A CD2 1 
ATOM   35  N N   . LYS A 1 12 ? -1.653  4.488   -5.535  1.00 16.83 ? 21   LYS A N   1 
ATOM   36  C CA  . LYS A 1 12 ? -1.772  3.295   -6.358  1.00 15.53 ? 21   LYS A CA  1 
ATOM   37  C C   . LYS A 1 12 ? -1.097  2.131   -5.697  1.00 13.91 ? 21   LYS A C   1 
ATOM   38  O O   . LYS A 1 12 ? -0.101  2.276   -5.078  1.00 13.44 ? 21   LYS A O   1 
ATOM   39  C CB  . LYS A 1 12 ? -1.183  3.554   -7.710  1.00 16.37 ? 21   LYS A CB  1 
ATOM   40  C CG  . LYS A 1 12 ? -1.896  4.675   -8.442  1.00 18.15 ? 21   LYS A CG  1 
ATOM   41  C CD  . LYS A 1 12 ? -1.152  5.108   -9.683  1.00 21.04 ? 21   LYS A CD  1 
ATOM   42  C CE  . LYS A 1 12 ? -1.131  6.608   -9.845  1.00 24.54 ? 21   LYS A CE  1 
ATOM   43  N NZ  . LYS A 1 12 ? -2.287  7.155   -10.628 1.00 26.93 ? 21   LYS A NZ  1 
ATOM   44  N N   . VAL A 1 13 ? -1.715  0.973   -5.824  1.00 13.72 ? 22   VAL A N   1 
ATOM   45  C CA  . VAL A 1 13 ? -1.133  -0.298  -5.478  1.00 12.97 ? 22   VAL A CA  1 
ATOM   46  C C   . VAL A 1 13 ? -1.047  -1.166  -6.724  1.00 12.66 ? 22   VAL A C   1 
ATOM   47  O O   . VAL A 1 13 ? -2.045  -1.661  -7.211  1.00 12.58 ? 22   VAL A O   1 
ATOM   48  C CB  . VAL A 1 13 ? -1.914  -1.045  -4.381  1.00 11.88 ? 22   VAL A CB  1 
ATOM   49  C CG1 . VAL A 1 13 ? -1.132  -2.297  -3.965  1.00 12.66 ? 22   VAL A CG1 1 
ATOM   50  C CG2 . VAL A 1 13 ? -2.153  -0.137  -3.193  1.00 12.31 ? 22   VAL A CG2 1 
ATOM   51  N N   . ALA A 1 14 ? 0.183   -1.344  -7.166  1.00 13.44 ? 23   ALA A N   1 
ATOM   52  C CA  . ALA A 1 14 ? 0.593   -2.092  -8.369  1.00 14.38 ? 23   ALA A CA  1 
ATOM   53  C C   . ALA A 1 14 ? 1.122   -3.498  -8.048  1.00 15.37 ? 23   ALA A C   1 
ATOM   54  O O   . ALA A 1 14 ? 2.055   -3.667  -7.280  1.00 14.26 ? 23   ALA A O   1 
ATOM   55  C CB  . ALA A 1 14 ? 1.663   -1.311  -9.136  1.00 13.51 ? 23   ALA A CB  1 
ATOM   56  N N   . GLY A 1 15 ? 0.502   -4.490  -8.670  1.00 16.41 ? 24   GLY A N   1 
ATOM   57  C CA  . GLY A 1 15 ? 0.927   -5.886  -8.571  1.00 17.80 ? 24   GLY A CA  1 
ATOM   58  C C   . GLY A 1 15 ? 1.871   -6.160  -9.731  1.00 17.64 ? 24   GLY A C   1 
ATOM   59  O O   . GLY A 1 15 ? 1.953   -5.413  -10.679 1.00 19.19 ? 24   GLY A O   1 
ATOM   60  N N   . GLN A 1 16 ? 2.623   -7.229  -9.636  1.00 19.89 ? 25   GLN A N   1 
ATOM   61  C CA  . GLN A 1 16 ? 3.633   -7.539  -10.650 1.00 21.52 ? 25   GLN A CA  1 
ATOM   62  C C   . GLN A 1 16 ? 2.956   -7.987  -11.927 1.00 19.43 ? 25   GLN A C   1 
ATOM   63  O O   . GLN A 1 16 ? 3.564   -7.988  -12.960 1.00 17.84 ? 25   GLN A O   1 
ATOM   64  C CB  . GLN A 1 16 ? 4.618   -8.614  -10.145 1.00 24.16 ? 25   GLN A CB  1 
ATOM   65  C CG  . GLN A 1 16 ? 5.322   -8.304  -8.823  1.00 24.98 ? 25   GLN A CG  1 
ATOM   66  C CD  . GLN A 1 16 ? 6.197   -9.455  -8.305  1.00 27.91 ? 25   GLN A CD  1 
ATOM   67  O OE1 . GLN A 1 16 ? 5.688   -10.370 -7.691  1.00 31.11 ? 25   GLN A OE1 1 
ATOM   68  N NE2 . GLN A 1 16 ? 7.518   -9.402  -8.548  1.00 29.89 ? 25   GLN A NE2 1 
ATOM   69  N N   . ASP A 1 17 ? 1.674   -8.319  -11.868 1.00 18.64 ? 26   ASP A N   1 
ATOM   70  C CA  . ASP A 1 17 ? 0.939   -8.642  -13.072 1.00 19.50 ? 26   ASP A CA  1 
ATOM   71  C C   . ASP A 1 17 ? 0.467   -7.412  -13.852 1.00 19.53 ? 26   ASP A C   1 
ATOM   72  O O   . ASP A 1 17 ? -0.066  -7.557  -14.949 1.00 23.31 ? 26   ASP A O   1 
ATOM   73  C CB  . ASP A 1 17 ? -0.270  -9.516  -12.736 1.00 21.20 ? 26   ASP A CB  1 
ATOM   74  C CG  . ASP A 1 17 ? -1.264  -8.825  -11.924 1.00 20.98 ? 26   ASP A CG  1 
ATOM   75  O OD1 . ASP A 1 17 ? -0.980  -7.764  -11.423 1.00 24.73 ? 26   ASP A OD1 1 
ATOM   76  O OD2 . ASP A 1 17 ? -2.355  -9.342  -11.757 1.00 28.23 ? 26   ASP A OD2 1 
ATOM   77  N N   . GLY A 1 18 ? 0.703   -6.225  -13.302 1.00 18.72 ? 27   GLY A N   1 
ATOM   78  C CA  . GLY A 1 18 ? 0.387   -4.953  -13.934 1.00 17.79 ? 27   GLY A CA  1 
ATOM   79  C C   . GLY A 1 18 ? -0.881  -4.286  -13.447 1.00 16.56 ? 27   GLY A C   1 
ATOM   80  O O   . GLY A 1 18 ? -1.137  -3.135  -13.806 1.00 16.03 ? 27   GLY A O   1 
ATOM   81  N N   . SER A 1 19 ? -1.668  -5.001  -12.662 1.00 14.81 ? 28   SER A N   1 
ATOM   82  C CA  . SER A 1 19 ? -2.854  -4.464  -11.975 1.00 17.11 ? 28   SER A CA  1 
ATOM   83  C C   . SER A 1 19 ? -2.543  -3.236  -11.094 1.00 15.98 ? 28   SER A C   1 
ATOM   84  O O   . SER A 1 19 ? -1.551  -3.205  -10.373 1.00 15.04 ? 28   SER A O   1 
ATOM   85  C CB  . SER A 1 19 ? -3.480  -5.583  -11.117 1.00 17.92 ? 28   SER A CB  1 
ATOM   86  O OG  . SER A 1 19 ? -2.539  -5.913  -10.071 1.00 22.83 ? 28   SER A OG  1 
ATOM   87  N N   . VAL A 1 20 ? -3.370  -2.194  -11.203 1.00 17.87 ? 29   VAL A N   1 
ATOM   88  C CA  . VAL A 1 20 ? -3.213  -0.979  -10.434 1.00 17.08 ? 29   VAL A CA  1 
ATOM   89  C C   . VAL A 1 20 ? -4.548  -0.692  -9.774  1.00 20.06 ? 29   VAL A C   1 
ATOM   90  O O   . VAL A 1 20 ? -5.520  -0.452  -10.463 1.00 22.23 ? 29   VAL A O   1 
ATOM   91  C CB  . VAL A 1 20 ? -2.768  0.204   -11.300 1.00 16.31 ? 29   VAL A CB  1 
ATOM   92  C CG1 . VAL A 1 20 ? -2.426  1.406   -10.468 1.00 16.31 ? 29   VAL A CG1 1 
ATOM   93  C CG2 . VAL A 1 20 ? -1.539  -0.139  -12.051 1.00 17.64 ? 29   VAL A CG2 1 
ATOM   94  N N   . VAL A 1 21 ? -4.568  -0.689  -8.431  1.00 22.95 ? 30   VAL A N   1 
ATOM   95  C CA  . VAL A 1 21 ? -5.767  -0.586  -7.604  1.00 22.94 ? 30   VAL A CA  1 
ATOM   96  C C   . VAL A 1 21 ? -5.555  0.657   -6.758  1.00 22.09 ? 30   VAL A C   1 
ATOM   97  O O   . VAL A 1 21 ? -4.439  0.984   -6.314  1.00 19.01 ? 30   VAL A O   1 
ATOM   98  C CB  . VAL A 1 21 ? -5.879  -1.836  -6.741  1.00 29.15 ? 30   VAL A CB  1 
ATOM   99  C CG1 . VAL A 1 21 ? -7.028  -1.764  -5.785  1.00 31.32 ? 30   VAL A CG1 1 
ATOM   100 C CG2 . VAL A 1 21 ? -6.004  -3.082  -7.622  1.00 33.08 ? 30   VAL A CG2 1 
ATOM   101 N N   . GLN A 1 22 ? -6.624  1.397   -6.554  1.00 20.25 ? 31   GLN A N   1 
ATOM   102 C CA  . GLN A 1 22 ? -6.490  2.766   -6.113  1.00 21.81 ? 31   GLN A CA  1 
ATOM   103 C C   . GLN A 1 22 ? -7.060  2.798   -4.661  1.00 19.80 ? 31   GLN A C   1 
ATOM   104 O O   . GLN A 1 22 ? -8.038  2.040   -4.319  1.00 17.02 ? 31   GLN A O   1 
ATOM   105 C CB  . GLN A 1 22 ? -7.223  3.628   -7.149  1.00 24.83 ? 31   GLN A CB  1 
ATOM   106 C CG  . GLN A 1 22 ? -7.151  5.117   -6.984  1.00 36.20 ? 31   GLN A CG  1 
ATOM   107 C CD  . GLN A 1 22 ? -5.989  5.749   -7.758  1.00 43.06 ? 31   GLN A CD  1 
ATOM   108 O OE1 . GLN A 1 22 ? -5.426  5.134   -8.688  1.00 49.37 ? 31   GLN A OE1 1 
ATOM   109 N NE2 . GLN A 1 22 ? -5.604  6.959   -7.351  1.00 43.25 ? 31   GLN A NE2 1 
ATOM   110 N N   . PHE A 1 23 ? -6.426  3.630   -3.830  1.00 18.17 ? 32   PHE A N   1 
ATOM   111 C CA  . PHE A 1 23 ? -6.835  3.918   -2.459  1.00 17.69 ? 32   PHE A CA  1 
ATOM   112 C C   . PHE A 1 23 ? -6.685  5.373   -2.193  1.00 16.97 ? 32   PHE A C   1 
ATOM   113 O O   . PHE A 1 23 ? -5.945  6.078   -2.909  1.00 20.36 ? 32   PHE A O   1 
ATOM   114 C CB  . PHE A 1 23 ? -6.038  3.123   -1.389  1.00 16.75 ? 32   PHE A CB  1 
ATOM   115 C CG  . PHE A 1 23 ? -6.305  1.671   -1.442  1.00 18.04 ? 32   PHE A CG  1 
ATOM   116 C CD1 . PHE A 1 23 ? -5.597  0.871   -2.336  1.00 19.95 ? 32   PHE A CD1 1 
ATOM   117 C CD2 . PHE A 1 23 ? -7.309  1.108   -0.680  1.00 18.60 ? 32   PHE A CD2 1 
ATOM   118 C CE1 . PHE A 1 23 ? -5.849  -0.488  -2.415  1.00 19.57 ? 32   PHE A CE1 1 
ATOM   119 C CE2 . PHE A 1 23 ? -7.603  -0.220  -0.809  1.00 19.35 ? 32   PHE A CE2 1 
ATOM   120 C CZ  . PHE A 1 23 ? -6.868  -1.012  -1.673  1.00 19.21 ? 32   PHE A CZ  1 
ATOM   121 N N   . LYS A 1 24 ? -7.409  5.834   -1.203  1.00 16.75 ? 33   LYS A N   1 
ATOM   122 C CA  . LYS A 1 24 ? -7.137  7.161   -0.644  1.00 18.81 ? 33   LYS A CA  1 
ATOM   123 C C   . LYS A 1 24 ? -7.028  7.035   0.832   1.00 17.36 ? 33   LYS A C   1 
ATOM   124 O O   . LYS A 1 24 ? -7.680  6.213   1.443   1.00 17.41 ? 33   LYS A O   1 
ATOM   125 C CB  . LYS A 1 24 ? -8.157  8.189   -1.038  1.00 20.46 ? 33   LYS A CB  1 
ATOM   126 C CG  . LYS A 1 24 ? -9.502  7.930   -0.509  1.00 23.35 ? 33   LYS A CG  1 
ATOM   127 C CD  . LYS A 1 24 ? -10.413 8.873   -1.259  1.00 28.97 ? 33   LYS A CD  1 
ATOM   128 C CE  . LYS A 1 24 ? -11.420 9.571   -0.355  1.00 30.83 ? 33   LYS A CE  1 
ATOM   129 N NZ  . LYS A 1 24 ? -12.551 10.106  -1.173  1.00 32.26 ? 33   LYS A NZ  1 
ATOM   130 N N   . ILE A 1 25 ? -6.087  7.778   1.367   1.00 17.63 ? 34   ILE A N   1 
ATOM   131 C CA  . ILE A 1 25 ? -5.660  7.644   2.764   1.00 18.61 ? 34   ILE A CA  1 
ATOM   132 C C   . ILE A 1 25 ? -5.259  9.038   3.193   1.00 18.45 ? 34   ILE A C   1 
ATOM   133 O O   . ILE A 1 25 ? -4.832  9.855   2.360   1.00 22.02 ? 34   ILE A O   1 
ATOM   134 C CB  . ILE A 1 25 ? -4.550  6.529   2.958   1.00 19.09 ? 34   ILE A CB  1 
ATOM   135 C CG1 . ILE A 1 25 ? -4.254  6.196   4.421   1.00 17.57 ? 34   ILE A CG1 1 
ATOM   136 C CG2 . ILE A 1 25 ? -3.246  6.822   2.221   1.00 20.58 ? 34   ILE A CG2 1 
ATOM   137 C CD1 . ILE A 1 25 ? -3.487  4.900   4.591   1.00 17.51 ? 34   ILE A CD1 1 
ATOM   138 N N   . LYS A 1 26 ? -5.484  9.347   4.456   1.00 18.74 ? 35   LYS A N   1 
ATOM   139 C CA  . LYS A 1 26 ? -4.955  10.572  5.034   1.00 18.46 ? 35   LYS A CA  1 
ATOM   140 C C   . LYS A 1 26 ? -3.462  10.370  5.342   1.00 17.52 ? 35   LYS A C   1 
ATOM   141 O O   . LYS A 1 26 ? -3.020  9.277   5.550   1.00 15.59 ? 35   LYS A O   1 
ATOM   142 C CB  . LYS A 1 26 ? -5.757  10.954  6.268   1.00 20.47 ? 35   LYS A CB  1 
ATOM   143 C CG  . LYS A 1 26 ? -7.218  11.127  5.932   1.00 22.04 ? 35   LYS A CG  1 
ATOM   144 C CD  . LYS A 1 26 ? -7.859  12.185  6.760   1.00 26.74 ? 35   LYS A CD  1 
ATOM   145 C CE  . LYS A 1 26 ? -8.334  11.683  8.100   1.00 34.42 ? 35   LYS A CE  1 
ATOM   146 N NZ  . LYS A 1 26 ? -9.806  11.391  8.091   1.00 39.18 ? 35   LYS A NZ  1 
ATOM   147 N N   . ARG A 1 27 ? -2.710  11.457  5.343   1.00 18.04 ? 36   ARG A N   1 
ATOM   148 C CA  . ARG A 1 27 ? -1.260  11.435  5.391   1.00 17.59 ? 36   ARG A CA  1 
ATOM   149 C C   . ARG A 1 27 ? -0.715  10.873  6.692   1.00 15.86 ? 36   ARG A C   1 
ATOM   150 O O   . ARG A 1 27 ? 0.386   10.340  6.730   1.00 14.87 ? 36   ARG A O   1 
ATOM   151 C CB  . ARG A 1 27 ? -0.788  12.849  5.205   1.00 19.64 ? 36   ARG A CB  1 
ATOM   152 C CG  . ARG A 1 27 ? -1.075  13.412  3.843   1.00 24.27 ? 36   ARG A CG  1 
ATOM   153 C CD  . ARG A 1 27 ? -0.294  14.718  3.663   1.00 29.97 ? 36   ARG A CD  1 
ATOM   154 N NE  . ARG A 1 27 ? -0.006  15.053  2.264   1.00 37.54 ? 36   ARG A NE  1 
ATOM   155 C CZ  . ARG A 1 27 ? 0.909   14.440  1.483   1.00 39.88 ? 36   ARG A CZ  1 
ATOM   156 N NH1 . ARG A 1 27 ? 1.658   13.399  1.917   1.00 45.48 ? 36   ARG A NH1 1 
ATOM   157 N NH2 . ARG A 1 27 ? 1.046   14.847  0.239   1.00 40.05 ? 36   ARG A NH2 1 
ATOM   158 N N   . HIS A 1 28 ? -1.460  11.047  7.778   1.00 15.89 ? 37   HIS A N   1 
ATOM   159 C CA  . HIS A 1 28 ? -1.067  10.544  9.119   1.00 16.36 ? 37   HIS A CA  1 
ATOM   160 C C   . HIS A 1 28 ? -1.815  9.356   9.642   1.00 15.07 ? 37   HIS A C   1 
ATOM   161 O O   . HIS A 1 28 ? -1.674  8.969   10.756  1.00 14.75 ? 37   HIS A O   1 
ATOM   162 C CB  . HIS A 1 28 ? -1.138  11.678  10.118  1.00 19.07 ? 37   HIS A CB  1 
ATOM   163 C CG  . HIS A 1 28 ? -0.363  12.873  9.683   1.00 20.19 ? 37   HIS A CG  1 
ATOM   164 N ND1 . HIS A 1 28 ? 1.020   12.882  9.668   1.00 20.27 ? 37   HIS A ND1 1 
ATOM   165 C CD2 . HIS A 1 28 ? -0.760  14.055  9.170   1.00 21.29 ? 37   HIS A CD2 1 
ATOM   166 C CE1 . HIS A 1 28 ? 1.440   14.038  9.193   1.00 21.06 ? 37   HIS A CE1 1 
ATOM   167 N NE2 . HIS A 1 28 ? 0.382   14.758  8.861   1.00 23.10 ? 37   HIS A NE2 1 
ATOM   168 N N   . THR A 1 29 ? -2.502  8.687   8.768   1.00 15.80 ? 38   THR A N   1 
ATOM   169 C CA  . THR A 1 29 ? -3.133  7.412   9.040   1.00 15.70 ? 38   THR A CA  1 
ATOM   170 C C   . THR A 1 29 ? -2.171  6.328   8.707   1.00 15.15 ? 38   THR A C   1 
ATOM   171 O O   . THR A 1 29 ? -1.525  6.396   7.667   1.00 15.28 ? 38   THR A O   1 
ATOM   172 C CB  . THR A 1 29 ? -4.443  7.328   8.206   1.00 16.00 ? 38   THR A CB  1 
ATOM   173 O OG1 . THR A 1 29 ? -5.294  8.391   8.628   1.00 16.75 ? 38   THR A OG1 1 
ATOM   174 C CG2 . THR A 1 29 ? -5.236  6.002   8.358   1.00 16.25 ? 38   THR A CG2 1 
ATOM   175 N N   . PRO A 1 30 ? -2.096  5.285   9.565   1.00 15.80 ? 39   PRO A N   1 
ATOM   176 C CA  . PRO A 1 30 ? -1.299  4.140   9.234   1.00 15.49 ? 39   PRO A CA  1 
ATOM   177 C C   . PRO A 1 30 ? -1.693  3.371   7.948   1.00 15.01 ? 39   PRO A C   1 
ATOM   178 O O   . PRO A 1 30 ? -2.876  3.207   7.635   1.00 13.15 ? 39   PRO A O   1 
ATOM   179 C CB  . PRO A 1 30 ? -1.456  3.232   10.433  1.00 16.84 ? 39   PRO A CB  1 
ATOM   180 C CG  . PRO A 1 30 ? -2.250  3.920   11.455  1.00 16.22 ? 39   PRO A CG  1 
ATOM   181 C CD  . PRO A 1 30 ? -3.001  4.962   10.696  1.00 16.77 ? 39   PRO A CD  1 
ATOM   182 N N   . LEU A 1 31 ? -0.655  2.961   7.202   1.00 14.05 ? 40   LEU A N   1 
ATOM   183 C CA  . LEU A 1 31 ? -0.827  2.288   5.916   1.00 14.37 ? 40   LEU A CA  1 
ATOM   184 C C   . LEU A 1 31 ? -1.378  0.879   6.056   1.00 15.55 ? 40   LEU A C   1 
ATOM   185 O O   . LEU A 1 31 ? -1.800  0.310   5.094   1.00 15.11 ? 40   LEU A O   1 
ATOM   186 C CB  . LEU A 1 31 ? 0.449   2.295   5.085   1.00 14.08 ? 40   LEU A CB  1 
ATOM   187 C CG  . LEU A 1 31 ? 0.889   3.628   4.408   1.00 13.50 ? 40   LEU A CG  1 
ATOM   188 C CD1 . LEU A 1 31 ? 2.398   3.727   4.220   1.00 13.72 ? 40   LEU A CD1 1 
ATOM   189 C CD2 . LEU A 1 31 ? 0.197   3.844   3.068   1.00 14.06 ? 40   LEU A CD2 1 
ATOM   190 N N   . SER A 1 32 ? -1.441  0.343   7.259   1.00 16.25 ? 41   SER A N   1 
ATOM   191 C CA  . SER A 1 32 ? -2.088  -0.905  7.507   1.00 17.41 ? 41   SER A CA  1 
ATOM   192 C C   . SER A 1 32 ? -3.569  -0.789  7.219   1.00 17.41 ? 41   SER A C   1 
ATOM   193 O O   . SER A 1 32 ? -4.159  -1.773  6.901   1.00 19.25 ? 41   SER A O   1 
ATOM   194 C CB  . SER A 1 32 ? -1.872  -1.354  8.952   1.00 19.77 ? 41   SER A CB  1 
ATOM   195 O OG  . SER A 1 32 ? -2.302  -0.349  9.904   1.00 20.28 ? 41   SER A OG  1 
ATOM   196 N N   . LYS A 1 33 ? -4.172  0.410   7.312   1.00 17.97 ? 42   LYS A N   1 
ATOM   197 C CA  . LYS A 1 33 ? -5.524  0.632   6.822   1.00 17.36 ? 42   LYS A CA  1 
ATOM   198 C C   . LYS A 1 33 ? -5.653  0.229   5.345   1.00 17.36 ? 42   LYS A C   1 
ATOM   199 O O   . LYS A 1 33 ? -6.499  -0.600  4.978   1.00 16.25 ? 42   LYS A O   1 
ATOM   200 C CB  . LYS A 1 33 ? -5.926  2.087   6.981   1.00 18.19 ? 42   LYS A CB  1 
ATOM   201 C CG  . LYS A 1 33 ? -7.392  2.418   6.579   1.00 17.97 ? 42   LYS A CG  1 
ATOM   202 C CD  . LYS A 1 33 ? -7.608  3.901   6.553   1.00 17.89 ? 42   LYS A CD  1 
ATOM   203 C CE  . LYS A 1 33 ? -9.060  4.277   6.357   1.00 20.06 ? 42   LYS A CE  1 
ATOM   204 N NZ  . LYS A 1 33 ? -9.901  3.871   7.541   1.00 21.69 ? 42   LYS A NZ  1 
ATOM   205 N N   . LEU A 1 34 ? -4.774  0.789   4.499   1.00 16.86 ? 43   LEU A N   1 
ATOM   206 C CA  . LEU A 1 34 ? -4.733  0.455   3.101   1.00 15.38 ? 43   LEU A CA  1 
ATOM   207 C C   . LEU A 1 34 ? -4.361  -1.027  2.826   1.00 15.43 ? 43   LEU A C   1 
ATOM   208 O O   . LEU A 1 34 ? -4.908  -1.643  1.937   1.00 16.58 ? 43   LEU A O   1 
ATOM   209 C CB  . LEU A 1 34 ? -3.756  1.417   2.446   1.00 14.64 ? 43   LEU A CB  1 
ATOM   210 C CG  . LEU A 1 34 ? -3.413  1.207   0.977   1.00 15.12 ? 43   LEU A CG  1 
ATOM   211 C CD1 . LEU A 1 34 ? -3.060  2.595   0.433   1.00 16.08 ? 43   LEU A CD1 1 
ATOM   212 C CD2 . LEU A 1 34 ? -2.282  0.196   0.670   1.00 15.28 ? 43   LEU A CD2 1 
ATOM   213 N N   . MET A 1 35 ? -3.379  -1.568  3.528   1.00 15.11 ? 44   MET A N   1 
ATOM   214 C CA  . MET A 1 35 ? -2.928  -2.935  3.330   1.00 16.10 ? 44   MET A CA  1 
ATOM   215 C C   . MET A 1 35 ? -4.015  -3.974  3.583   1.00 16.97 ? 44   MET A C   1 
ATOM   216 O O   . MET A 1 35 ? -4.208  -4.910  2.804   1.00 15.29 ? 44   MET A O   1 
ATOM   217 C CB  . MET A 1 35 ? -1.688  -3.206  4.198   1.00 17.50 ? 44   MET A CB  1 
ATOM   218 C CG  . MET A 1 35 ? -0.442  -2.460  3.687   1.00 18.69 ? 44   MET A CG  1 
ATOM   219 S SD  . MET A 1 35 ? 1.214   -2.648  4.449   1.00 22.88 ? 44   MET A SD  1 
ATOM   220 C CE  . MET A 1 35 ? 1.020   -1.873  6.059   1.00 20.18 ? 44   MET A CE  1 
ATOM   221 N N   . LYS A 1 36 ? -4.734  -3.794  4.687   1.00 19.25 ? 45   LYS A N   1 
ATOM   222 C CA  . LYS A 1 36 ? -5.798  -4.698  5.048   1.00 21.29 ? 45   LYS A CA  1 
ATOM   223 C C   . LYS A 1 36 ? -6.886  -4.599  4.016   1.00 19.29 ? 45   LYS A C   1 
ATOM   224 O O   . LYS A 1 36 ? -7.415  -5.598  3.563   1.00 20.51 ? 45   LYS A O   1 
ATOM   225 C CB  . LYS A 1 36 ? -6.394  -4.302  6.412   1.00 23.48 ? 45   LYS A CB  1 
ATOM   226 C CG  . LYS A 1 36 ? -5.387  -4.358  7.558   1.00 26.53 ? 45   LYS A CG  1 
ATOM   227 C CD  . LYS A 1 36 ? -5.848  -3.532  8.779   1.00 28.44 ? 45   LYS A CD  1 
ATOM   228 C CE  . LYS A 1 36 ? -6.448  -4.429  9.840   1.00 28.87 ? 45   LYS A CE  1 
ATOM   229 N NZ  . LYS A 1 36 ? -7.654  -3.902  10.520  1.00 30.71 ? 45   LYS A NZ  1 
ATOM   230 N N   . ALA A 1 37 ? -7.244  -3.375  3.686   1.00 19.86 ? 46   ALA A N   1 
ATOM   231 C CA  . ALA A 1 37 ? -8.246  -3.113  2.631   1.00 19.93 ? 46   ALA A CA  1 
ATOM   232 C C   . ALA A 1 37 ? -7.919  -3.806  1.319   1.00 20.77 ? 46   ALA A C   1 
ATOM   233 O O   . ALA A 1 37 ? -8.783  -4.368  0.708   1.00 20.63 ? 46   ALA A O   1 
ATOM   234 C CB  . ALA A 1 37 ? -8.422  -1.625  2.395   1.00 18.70 ? 46   ALA A CB  1 
ATOM   235 N N   . TYR A 1 38 ? -6.672  -3.728  0.876   1.00 20.60 ? 47   TYR A N   1 
ATOM   236 C CA  . TYR A 1 38 ? -6.273  -4.358  -0.351  1.00 20.04 ? 47   TYR A CA  1 
ATOM   237 C C   . TYR A 1 38 ? -6.447  -5.876  -0.263  1.00 22.64 ? 47   TYR A C   1 
ATOM   238 O O   . TYR A 1 38 ? -6.997  -6.509  -1.149  1.00 21.18 ? 47   TYR A O   1 
ATOM   239 C CB  . TYR A 1 38 ? -4.822  -4.020  -0.612  1.00 18.37 ? 47   TYR A CB  1 
ATOM   240 C CG  . TYR A 1 38 ? -4.248  -4.610  -1.884  1.00 17.75 ? 47   TYR A CG  1 
ATOM   241 C CD1 . TYR A 1 38 ? -4.375  -3.952  -3.072  1.00 17.03 ? 47   TYR A CD1 1 
ATOM   242 C CD2 . TYR A 1 38 ? -3.545  -5.812  -1.876  1.00 18.54 ? 47   TYR A CD2 1 
ATOM   243 C CE1 . TYR A 1 38 ? -3.863  -4.471  -4.224  1.00 17.87 ? 47   TYR A CE1 1 
ATOM   244 C CE2 . TYR A 1 38 ? -3.007  -6.330  -3.030  1.00 18.30 ? 47   TYR A CE2 1 
ATOM   245 C CZ  . TYR A 1 38 ? -3.201  -5.664  -4.202  1.00 18.21 ? 47   TYR A CZ  1 
ATOM   246 O OH  . TYR A 1 38 ? -2.658  -6.109  -5.359  1.00 19.83 ? 47   TYR A OH  1 
ATOM   247 N N   . CYS A 1 39 ? -5.907  -6.472  0.784   1.00 26.56 ? 48   CYS A N   1 
ATOM   248 C CA  . CYS A 1 39 ? -6.084  -7.892  1.044   1.00 28.26 ? 48   CYS A CA  1 
ATOM   249 C C   . CYS A 1 39 ? -7.555  -8.294  1.014   1.00 28.53 ? 48   CYS A C   1 
ATOM   250 O O   . CYS A 1 39 ? -7.897  -9.256  0.371   1.00 29.78 ? 48   CYS A O   1 
ATOM   251 C CB  . CYS A 1 39 ? -5.427  -8.251  2.374   1.00 29.12 ? 48   CYS A CB  1 
ATOM   252 S SG  . CYS A 1 39 ? -3.641  -8.156  2.270   1.00 27.54 ? 48   CYS A SG  1 
ATOM   253 N N   . GLU A 1 40 ? -8.415  -7.521  1.661   1.00 32.00 ? 49   GLU A N   1 
ATOM   254 C CA  . GLU A 1 40 ? -9.848  -7.811  1.694   1.00 33.76 ? 49   GLU A CA  1 
ATOM   255 C C   . GLU A 1 40 ? -10.500 -7.710  0.303   1.00 34.64 ? 49   GLU A C   1 
ATOM   256 O O   . GLU A 1 40 ? -11.015 -8.710  -0.204  1.00 35.11 ? 49   GLU A O   1 
ATOM   257 C CB  . GLU A 1 40 ? -10.556 -6.908  2.708   1.00 35.19 ? 49   GLU A CB  1 
ATOM   258 C CG  . GLU A 1 40 ? -10.657 -7.530  4.095   1.00 38.45 ? 49   GLU A CG  1 
ATOM   259 C CD  . GLU A 1 40 ? -10.066 -6.642  5.193   1.00 40.82 ? 49   GLU A CD  1 
ATOM   260 O OE1 . GLU A 1 40 ? -10.388 -5.433  5.218   1.00 46.21 ? 49   GLU A OE1 1 
ATOM   261 O OE2 . GLU A 1 40 ? -9.276  -7.140  6.027   1.00 39.24 ? 49   GLU A OE2 1 
ATOM   262 N N   . ARG A 1 41 ? -10.453 -6.514  -0.297  1.00 35.12 ? 50   ARG A N   1 
ATOM   263 C CA  . ARG A 1 41 ? -10.919 -6.262  -1.660  1.00 34.29 ? 50   ARG A CA  1 
ATOM   264 C C   . ARG A 1 41 ? -10.414 -7.274  -2.657  1.00 34.10 ? 50   ARG A C   1 
ATOM   265 O O   . ARG A 1 41 ? -11.163 -7.644  -3.555  1.00 40.40 ? 50   ARG A O   1 
ATOM   266 C CB  . ARG A 1 41 ? -10.487 -4.852  -2.167  1.00 31.73 ? 50   ARG A CB  1 
ATOM   267 C CG  . ARG A 1 41 ? -11.025 -3.633  -1.419  1.00 35.44 ? 50   ARG A CG  1 
ATOM   268 C CD  . ARG A 1 41 ? -12.503 -3.783  -1.069  1.00 40.62 ? 50   ARG A CD  1 
ATOM   269 N NE  . ARG A 1 41 ? -13.140 -2.672  -0.326  1.00 43.09 ? 50   ARG A NE  1 
ATOM   270 C CZ  . ARG A 1 41 ? -14.295 -2.075  -0.667  1.00 43.23 ? 50   ARG A CZ  1 
ATOM   271 N NH1 . ARG A 1 41 ? -14.954 -2.436  -1.774  1.00 43.35 ? 50   ARG A NH1 1 
ATOM   272 N NH2 . ARG A 1 41 ? -14.786 -1.077  0.086   1.00 39.36 ? 50   ARG A NH2 1 
ATOM   273 N N   . GLN A 1 42 ? -9.171  -7.716  -2.528  1.00 32.18 ? 51   GLN A N   1 
ATOM   274 C CA  . GLN A 1 42 ? -8.564  -8.519  -3.590  1.00 38.03 ? 51   GLN A CA  1 
ATOM   275 C C   . GLN A 1 42 ? -8.525  -10.010 -3.278  1.00 37.89 ? 51   GLN A C   1 
ATOM   276 O O   . GLN A 1 42 ? -8.007  -10.797 -4.074  1.00 38.56 ? 51   GLN A O   1 
ATOM   277 C CB  . GLN A 1 42 ? -7.139  -8.004  -3.902  1.00 40.62 ? 51   GLN A CB  1 
ATOM   278 C CG  . GLN A 1 42 ? -7.055  -6.505  -4.258  1.00 41.22 ? 51   GLN A CG  1 
ATOM   279 C CD  . GLN A 1 42 ? -7.365  -6.194  -5.720  1.00 43.46 ? 51   GLN A CD  1 
ATOM   280 O OE1 . GLN A 1 42 ? -6.763  -6.763  -6.636  1.00 48.12 ? 51   GLN A OE1 1 
ATOM   281 N NE2 . GLN A 1 42 ? -8.292  -5.268  -5.944  1.00 45.43 ? 51   GLN A NE2 1 
ATOM   282 N N   . GLY A 1 43 ? -9.061  -10.396 -2.124  1.00 40.90 ? 52   GLY A N   1 
ATOM   283 C CA  . GLY A 1 43 ? -9.157  -11.810 -1.730  1.00 40.27 ? 52   GLY A CA  1 
ATOM   284 C C   . GLY A 1 43 ? -7.787  -12.438 -1.548  1.00 41.34 ? 52   GLY A C   1 
ATOM   285 O O   . GLY A 1 43 ? -7.489  -13.493 -2.111  1.00 43.52 ? 52   GLY A O   1 
ATOM   286 N N   . LEU A 1 44 ? -6.952  -11.770 -0.762  1.00 43.43 ? 53   LEU A N   1 
ATOM   287 C CA  . LEU A 1 44 ? -5.563  -12.149 -0.587  1.00 43.74 ? 53   LEU A CA  1 
ATOM   288 C C   . LEU A 1 44 ? -5.238  -12.268 0.898   1.00 50.31 ? 53   LEU A C   1 
ATOM   289 O O   . LEU A 1 44 ? -5.764  -11.502 1.718   1.00 53.55 ? 53   LEU A O   1 
ATOM   290 C CB  . LEU A 1 44 ? -4.661  -11.101 -1.262  1.00 40.08 ? 53   LEU A CB  1 
ATOM   291 C CG  . LEU A 1 44 ? -4.806  -11.077 -2.775  1.00 40.05 ? 53   LEU A CG  1 
ATOM   292 C CD1 . LEU A 1 44 ? -4.176  -9.823  -3.356  1.00 43.15 ? 53   LEU A CD1 1 
ATOM   293 C CD2 . LEU A 1 44 ? -4.198  -12.337 -3.383  1.00 41.52 ? 53   LEU A CD2 1 
ATOM   294 N N   . SER A 1 45 ? -4.380  -13.223 1.250   1.00 55.03 ? 54   SER A N   1 
ATOM   295 C CA  . SER A 1 45 ? -3.927  -13.344 2.632   1.00 62.97 ? 54   SER A CA  1 
ATOM   296 C C   . SER A 1 45 ? -2.812  -12.362 2.906   1.00 60.50 ? 54   SER A C   1 
ATOM   297 O O   . SER A 1 45 ? -1.843  -12.276 2.148   1.00 56.62 ? 54   SER A O   1 
ATOM   298 C CB  . SER A 1 45 ? -3.473  -14.783 2.987   1.00 71.36 ? 54   SER A CB  1 
ATOM   299 O OG  . SER A 1 45 ? -2.467  -15.296 2.121   1.00 76.27 ? 54   SER A OG  1 
ATOM   300 N N   . MET A 1 46 ? -2.944  -11.635 4.010   1.00 62.21 ? 55   MET A N   1 
ATOM   301 C CA  . MET A 1 46 ? -1.831  -10.859 4.536   1.00 64.57 ? 55   MET A CA  1 
ATOM   302 C C   . MET A 1 46 ? -0.557  -11.750 4.453   1.00 62.68 ? 55   MET A C   1 
ATOM   303 O O   . MET A 1 46 ? 0.484   -11.301 3.975   1.00 68.19 ? 55   MET A O   1 
ATOM   304 C CB  . MET A 1 46 ? -2.147  -10.393 5.986   1.00 68.29 ? 55   MET A CB  1 
ATOM   305 C CG  . MET A 1 46 ? -1.588  -9.022  6.397   1.00 71.79 ? 55   MET A CG  1 
ATOM   306 S SD  . MET A 1 46 ? -2.466  -7.544  5.788   1.00 71.63 ? 55   MET A SD  1 
ATOM   307 C CE  . MET A 1 46 ? -4.101  -7.877  6.449   1.00 69.98 ? 55   MET A CE  1 
ATOM   308 N N   . ARG A 1 47 ? -0.680  -13.004 4.893   1.00 61.08 ? 56   ARG A N   1 
ATOM   309 C CA  . ARG A 1 47 ? 0.409   -13.986 4.912   1.00 60.75 ? 56   ARG A CA  1 
ATOM   310 C C   . ARG A 1 47 ? 1.161   -14.145 3.607   1.00 59.49 ? 56   ARG A C   1 
ATOM   311 O O   . ARG A 1 47 ? 2.383   -14.267 3.604   1.00 57.89 ? 56   ARG A O   1 
ATOM   312 C CB  . ARG A 1 47 ? -0.159  -15.351 5.280   1.00 63.93 ? 56   ARG A CB  1 
ATOM   313 C CG  . ARG A 1 47 ? -0.923  -15.338 6.591   1.00 69.03 ? 56   ARG A CG  1 
ATOM   314 C CD  . ARG A 1 47 ? -0.044  -15.771 7.756   1.00 72.96 ? 56   ARG A CD  1 
ATOM   315 N NE  . ARG A 1 47 ? 1.381   -15.469 7.568   1.00 73.76 ? 56   ARG A NE  1 
ATOM   316 C CZ  . ARG A 1 47 ? 1.982   -14.363 8.000   1.00 70.55 ? 56   ARG A CZ  1 
ATOM   317 N NH1 . ARG A 1 47 ? 1.283   -13.426 8.636   1.00 67.28 ? 56   ARG A NH1 1 
ATOM   318 N NH2 . ARG A 1 47 ? 3.286   -14.198 7.795   1.00 69.35 ? 56   ARG A NH2 1 
ATOM   319 N N   . GLN A 1 48 ? 0.431   -14.164 2.498   1.00 58.64 ? 57   GLN A N   1 
ATOM   320 C CA  . GLN A 1 48 ? 1.036   -14.436 1.177   1.00 57.10 ? 57   GLN A CA  1 
ATOM   321 C C   . GLN A 1 48 ? 1.826   -13.241 0.570   1.00 57.41 ? 57   GLN A C   1 
ATOM   322 O O   . GLN A 1 48 ? 2.650   -13.456 -0.344  1.00 58.68 ? 57   GLN A O   1 
ATOM   323 C CB  . GLN A 1 48 ? -0.036  -14.966 0.168   1.00 61.82 ? 57   GLN A CB  1 
ATOM   324 C CG  . GLN A 1 48 ? -0.332  -16.481 0.203   1.00 59.83 ? 57   GLN A CG  1 
ATOM   325 N N   . ILE A 1 49 ? 1.591   -12.008 1.066   1.00 53.12 ? 58   ILE A N   1 
ATOM   326 C CA  . ILE A 1 49 ? 2.119   -10.780 0.405   1.00 46.58 ? 58   ILE A CA  1 
ATOM   327 C C   . ILE A 1 49 ? 2.820   -9.727  1.268   1.00 36.65 ? 58   ILE A C   1 
ATOM   328 O O   . ILE A 1 49 ? 2.580   -9.590  2.463   1.00 30.70 ? 58   ILE A O   1 
ATOM   329 C CB  . ILE A 1 49 ? 1.037   -10.013 -0.429  1.00 45.99 ? 58   ILE A CB  1 
ATOM   330 C CG1 . ILE A 1 49 ? -0.141  -9.603  0.425   1.00 41.64 ? 58   ILE A CG1 1 
ATOM   331 C CG2 . ILE A 1 49 ? 0.540   -10.836 -1.620  1.00 49.31 ? 58   ILE A CG2 1 
ATOM   332 C CD1 . ILE A 1 49 ? -0.990  -8.604  -0.305  1.00 41.99 ? 58   ILE A CD1 1 
ATOM   333 N N   . ARG A 1 50 ? 3.677   -8.979  0.579   1.00 31.08 ? 59   ARG A N   1 
ATOM   334 C CA  . ARG A 1 50 ? 4.380   -7.856  1.143   1.00 30.89 ? 59   ARG A CA  1 
ATOM   335 C C   . ARG A 1 50 ? 4.141   -6.614  0.278   1.00 24.24 ? 59   ARG A C   1 
ATOM   336 O O   . ARG A 1 50 ? 3.913   -6.705  -0.928  1.00 20.35 ? 59   ARG A O   1 
ATOM   337 C CB  . ARG A 1 50 ? 5.900   -8.145  1.256   1.00 35.21 ? 59   ARG A CB  1 
ATOM   338 C CG  . ARG A 1 50 ? 6.237   -9.247  2.265   1.00 38.91 ? 59   ARG A CG  1 
ATOM   339 N N   . PHE A 1 51 ? 4.180   -5.468  0.960   1.00 21.20 ? 60   PHE A N   1 
ATOM   340 C CA  . PHE A 1 51 ? 4.041   -4.168  0.352   1.00 19.06 ? 60   PHE A CA  1 
ATOM   341 C C   . PHE A 1 51 ? 5.324   -3.376  0.536   1.00 18.29 ? 60   PHE A C   1 
ATOM   342 O O   . PHE A 1 51 ? 5.877   -3.392  1.609   1.00 14.94 ? 60   PHE A O   1 
ATOM   343 C CB  . PHE A 1 51 ? 2.932   -3.401  0.976   1.00 17.59 ? 60   PHE A CB  1 
ATOM   344 C CG  . PHE A 1 51 ? 1.589   -4.047  0.854   1.00 16.91 ? 60   PHE A CG  1 
ATOM   345 C CD1 . PHE A 1 51 ? 1.193   -5.018  1.766   1.00 15.94 ? 60   PHE A CD1 1 
ATOM   346 C CD2 . PHE A 1 51 ? 0.671   -3.574  -0.072  1.00 15.60 ? 60   PHE A CD2 1 
ATOM   347 C CE1 . PHE A 1 51 ? -0.071  -5.571  1.695   1.00 15.88 ? 60   PHE A CE1 1 
ATOM   348 C CE2 . PHE A 1 51 ? -0.626  -4.109  -0.133  1.00 15.75 ? 60   PHE A CE2 1 
ATOM   349 C CZ  . PHE A 1 51 ? -0.993  -5.094  0.749   1.00 15.33 ? 60   PHE A CZ  1 
ATOM   350 N N   . ARG A 1 52 ? 5.741   -2.672  -0.520  1.00 19.07 ? 61   ARG A N   1 
ATOM   351 C CA  . ARG A 1 52 ? 6.940   -1.846  -0.474  1.00 22.20 ? 61   ARG A CA  1 
ATOM   352 C C   . ARG A 1 52 ? 6.690   -0.547  -1.141  1.00 19.47 ? 61   ARG A C   1 
ATOM   353 O O   . ARG A 1 52 ? 5.867   -0.437  -2.026  1.00 18.81 ? 61   ARG A O   1 
ATOM   354 C CB  . ARG A 1 52 ? 8.151   -2.517  -1.149  1.00 26.54 ? 61   ARG A CB  1 
ATOM   355 C CG  . ARG A 1 52 ? 8.712   -3.688  -0.357  1.00 33.62 ? 61   ARG A CG  1 
ATOM   356 C CD  . ARG A 1 52 ? 9.790   -4.403  -1.125  1.00 39.61 ? 61   ARG A CD  1 
ATOM   357 N NE  . ARG A 1 52 ? 10.524  -5.397  -0.312  1.00 56.89 ? 61   ARG A NE  1 
ATOM   358 C CZ  . ARG A 1 52 ? 11.837  -5.366  -0.010  1.00 68.79 ? 61   ARG A CZ  1 
ATOM   359 N NH1 . ARG A 1 52 ? 12.623  -4.351  -0.396  1.00 68.33 ? 61   ARG A NH1 1 
ATOM   360 N NH2 . ARG A 1 52 ? 12.381  -6.371  0.697   1.00 75.17 ? 61   ARG A NH2 1 
ATOM   361 N N   . PHE A 1 53 ? 7.426   0.446   -0.695  1.00 19.93 ? 62   PHE A N   1 
ATOM   362 C CA  . PHE A 1 53 ? 7.443   1.791   -1.306  1.00 22.23 ? 62   PHE A CA  1 
ATOM   363 C C   . PHE A 1 53 ? 8.882   2.242   -1.544  1.00 26.11 ? 62   PHE A C   1 
ATOM   364 O O   . PHE A 1 53 ? 9.692   2.261   -0.609  1.00 25.33 ? 62   PHE A O   1 
ATOM   365 C CB  . PHE A 1 53 ? 6.756   2.830   -0.437  1.00 20.20 ? 62   PHE A CB  1 
ATOM   366 C CG  . PHE A 1 53 ? 6.753   4.162   -1.048  1.00 20.16 ? 62   PHE A CG  1 
ATOM   367 C CD1 . PHE A 1 53 ? 6.088   4.379   -2.281  1.00 19.72 ? 62   PHE A CD1 1 
ATOM   368 C CD2 . PHE A 1 53 ? 7.401   5.211   -0.436  1.00 19.81 ? 62   PHE A CD2 1 
ATOM   369 C CE1 . PHE A 1 53 ? 6.103   5.644   -2.863  1.00 18.82 ? 62   PHE A CE1 1 
ATOM   370 C CE2 . PHE A 1 53 ? 7.424   6.453   -1.008  1.00 17.56 ? 62   PHE A CE2 1 
ATOM   371 C CZ  . PHE A 1 53 ? 6.787   6.666   -2.232  1.00 18.72 ? 62   PHE A CZ  1 
ATOM   372 N N   . ASP A 1 54 ? 9.212   2.563   -2.793  1.00 31.46 ? 63   ASP A N   1 
ATOM   373 C CA  . ASP A 1 54 ? 10.551  3.020   -3.128  1.00 34.70 ? 63   ASP A CA  1 
ATOM   374 C C   . ASP A 1 54 ? 11.591  2.001   -2.584  1.00 31.99 ? 63   ASP A C   1 
ATOM   375 O O   . ASP A 1 54 ? 12.601  2.343   -2.017  1.00 32.84 ? 63   ASP A O   1 
ATOM   376 C CB  . ASP A 1 54 ? 10.747  4.404   -2.535  1.00 38.78 ? 63   ASP A CB  1 
ATOM   377 C CG  . ASP A 1 54 ? 11.308  5.397   -3.510  1.00 41.99 ? 63   ASP A CG  1 
ATOM   378 O OD1 . ASP A 1 54 ? 11.221  5.209   -4.743  1.00 49.33 ? 63   ASP A OD1 1 
ATOM   379 O OD2 . ASP A 1 54 ? 11.792  6.432   -3.014  1.00 45.30 ? 63   ASP A OD2 1 
ATOM   380 N N   . GLY A 1 55 ? 11.277  0.736   -2.717  1.00 32.41 ? 64   GLY A N   1 
ATOM   381 C CA  . GLY A 1 55 ? 12.125  -0.282  -2.205  1.00 36.43 ? 64   GLY A CA  1 
ATOM   382 C C   . GLY A 1 55 ? 12.022  -0.614  -0.739  1.00 37.46 ? 64   GLY A C   1 
ATOM   383 O O   . GLY A 1 55 ? 12.522  -1.670  -0.321  1.00 41.92 ? 64   GLY A O   1 
ATOM   384 N N   . GLN A 1 56 ? 11.403  0.246   0.056   1.00 35.51 ? 65   GLN A N   1 
ATOM   385 C CA  . GLN A 1 56 ? 11.429  0.030   1.490   1.00 35.26 ? 65   GLN A CA  1 
ATOM   386 C C   . GLN A 1 56 ? 10.183  -0.763  1.826   1.00 33.05 ? 65   GLN A C   1 
ATOM   387 O O   . GLN A 1 56 ? 9.091   -0.456  1.349   1.00 28.22 ? 65   GLN A O   1 
ATOM   388 C CB  . GLN A 1 56 ? 11.400  1.326   2.304   1.00 39.27 ? 65   GLN A CB  1 
ATOM   389 C CG  . GLN A 1 56 ? 12.203  2.492   1.766   1.00 45.95 ? 65   GLN A CG  1 
ATOM   390 C CD  . GLN A 1 56 ? 11.521  3.831   2.049   1.00 47.89 ? 65   GLN A CD  1 
ATOM   391 O OE1 . GLN A 1 56 ? 10.768  4.359   1.220   1.00 53.45 ? 65   GLN A OE1 1 
ATOM   392 N NE2 . GLN A 1 56 ? 11.792  4.390   3.220   1.00 49.78 ? 65   GLN A NE2 1 
ATOM   393 N N   . PRO A 1 57 ? 10.329  -1.764  2.682   1.00 30.35 ? 66   PRO A N   1 
ATOM   394 C CA  . PRO A 1 57 ? 9.126   -2.369  3.201   1.00 31.58 ? 66   PRO A CA  1 
ATOM   395 C C   . PRO A 1 57 ? 8.290   -1.450  4.059   1.00 25.41 ? 66   PRO A C   1 
ATOM   396 O O   . PRO A 1 57 ? 8.818   -0.629  4.749   1.00 28.11 ? 66   PRO A O   1 
ATOM   397 C CB  . PRO A 1 57 ? 9.645   -3.537  4.074   1.00 32.65 ? 66   PRO A CB  1 
ATOM   398 C CG  . PRO A 1 57 ? 10.969  -3.891  3.445   1.00 35.98 ? 66   PRO A CG  1 
ATOM   399 C CD  . PRO A 1 57 ? 11.533  -2.566  2.993   1.00 35.62 ? 66   PRO A CD  1 
ATOM   400 N N   . ILE A 1 58 ? 6.993   -1.653  4.046   1.00 20.28 ? 67   ILE A N   1 
ATOM   401 C CA  . ILE A 1 58 ? 6.080   -0.821  4.797   1.00 20.22 ? 67   ILE A CA  1 
ATOM   402 C C   . ILE A 1 58 ? 5.585   -1.542  6.024   1.00 21.17 ? 67   ILE A C   1 
ATOM   403 O O   . ILE A 1 58 ? 5.079   -2.636  5.928   1.00 24.88 ? 67   ILE A O   1 
ATOM   404 C CB  . ILE A 1 58 ? 4.840   -0.440  3.922   1.00 18.24 ? 67   ILE A CB  1 
ATOM   405 C CG1 . ILE A 1 58 ? 5.304   0.312   2.672   1.00 15.95 ? 67   ILE A CG1 1 
ATOM   406 C CG2 . ILE A 1 58 ? 3.804   0.318   4.763   1.00 17.17 ? 67   ILE A CG2 1 
ATOM   407 C CD1 . ILE A 1 58 ? 4.201   0.542   1.696   1.00 15.82 ? 67   ILE A CD1 1 
ATOM   408 N N   . ASN A 1 59 ? 5.685   -0.926  7.181   1.00 22.88 ? 68   ASN A N   1 
ATOM   409 C CA  . ASN A 1 59 ? 5.202   -1.562  8.374   1.00 25.76 ? 68   ASN A CA  1 
ATOM   410 C C   . ASN A 1 59 ? 3.816   -1.047  8.751   1.00 26.79 ? 68   ASN A C   1 
ATOM   411 O O   . ASN A 1 59 ? 3.311   -0.082  8.143   1.00 23.52 ? 68   ASN A O   1 
ATOM   412 C CB  . ASN A 1 59 ? 6.211   -1.330  9.501   1.00 27.91 ? 68   ASN A CB  1 
ATOM   413 C CG  . ASN A 1 59 ? 7.593   -1.859  9.144   1.00 33.17 ? 68   ASN A CG  1 
ATOM   414 O OD1 . ASN A 1 59 ? 7.743   -2.815  8.368   1.00 35.69 ? 68   ASN A OD1 1 
ATOM   415 N ND2 . ASN A 1 59 ? 8.612   -1.266  9.729   1.00 39.74 ? 68   ASN A ND2 1 
ATOM   416 N N   . GLU A 1 60 ? 3.258   -1.711  9.762   1.00 31.01 ? 69   GLU A N   1 
ATOM   417 C CA  . GLU A 1 60 ? 1.900   -1.494  10.306  1.00 34.53 ? 69   GLU A CA  1 
ATOM   418 C C   . GLU A 1 60 ? 1.580   -0.060  10.558  1.00 29.75 ? 69   GLU A C   1 
ATOM   419 O O   . GLU A 1 60 ? 0.473   0.405   10.201  1.00 29.23 ? 69   GLU A O   1 
ATOM   420 C CB  . GLU A 1 60 ? 1.681   -2.260  11.635  1.00 41.30 ? 69   GLU A CB  1 
ATOM   421 C CG  . GLU A 1 60 ? 1.589   -3.804  11.533  1.00 55.47 ? 69   GLU A CG  1 
ATOM   422 C CD  . GLU A 1 60 ? 1.841   -4.589  12.868  1.00 65.50 ? 69   GLU A CD  1 
ATOM   423 O OE1 . GLU A 1 60 ? 3.022   -4.585  13.355  1.00 63.95 ? 69   GLU A OE1 1 
ATOM   424 O OE2 . GLU A 1 60 ? 0.877   -5.253  13.402  1.00 58.17 ? 69   GLU A OE2 1 
ATOM   425 N N   . THR A 1 61 ? 2.524   0.642   11.190  1.00 22.81 ? 70   THR A N   1 
ATOM   426 C CA  . THR A 1 61 ? 2.276   2.003   11.657  1.00 21.06 ? 70   THR A CA  1 
ATOM   427 C C   . THR A 1 61 ? 2.909   3.074   10.810  1.00 18.12 ? 70   THR A C   1 
ATOM   428 O O   . THR A 1 61 ? 2.645   4.245   11.050  1.00 17.96 ? 70   THR A O   1 
ATOM   429 C CB  . THR A 1 61 ? 2.652   2.220   13.131  1.00 21.68 ? 70   THR A CB  1 
ATOM   430 O OG1 . THR A 1 61 ? 4.044   1.973   13.260  1.00 24.95 ? 70   THR A OG1 1 
ATOM   431 C CG2 . THR A 1 61 ? 1.894   1.288   14.026  1.00 21.88 ? 70   THR A CG2 1 
ATOM   432 N N   . ASP A 1 62 ? 3.685   2.701   9.795   1.00 15.84 ? 71   ASP A N   1 
ATOM   433 C CA  . ASP A 1 62 ? 4.074   3.637   8.787   1.00 14.52 ? 71   ASP A CA  1 
ATOM   434 C C   . ASP A 1 62 ? 2.938   4.454   8.222   1.00 13.88 ? 71   ASP A C   1 
ATOM   435 O O   . ASP A 1 62 ? 1.895   3.950   7.881   1.00 14.10 ? 71   ASP A O   1 
ATOM   436 C CB  . ASP A 1 62 ? 4.838   2.939   7.660   1.00 15.03 ? 71   ASP A CB  1 
ATOM   437 C CG  . ASP A 1 62 ? 6.202   2.478   8.105   1.00 15.80 ? 71   ASP A CG  1 
ATOM   438 O OD1 . ASP A 1 62 ? 6.641   2.864   9.226   1.00 15.87 ? 71   ASP A OD1 1 
ATOM   439 O OD2 . ASP A 1 62 ? 6.798   1.692   7.378   1.00 16.94 ? 71   ASP A OD2 1 
ATOM   440 N N   . THR A 1 63 ? 3.182   5.736   8.063   1.00 14.15 ? 72   THR A N   1 
ATOM   441 C CA  . THR A 1 63 ? 2.180   6.604   7.512   1.00 14.82 ? 72   THR A CA  1 
ATOM   442 C C   . THR A 1 63 ? 2.675   7.132   6.169   1.00 14.64 ? 72   THR A C   1 
ATOM   443 O O   . THR A 1 63 ? 3.858   7.208   5.930   1.00 15.51 ? 72   THR A O   1 
ATOM   444 C CB  . THR A 1 63 ? 1.868   7.732   8.472   1.00 14.69 ? 72   THR A CB  1 
ATOM   445 O OG1 . THR A 1 63 ? 2.971   8.644   8.513   1.00 13.83 ? 72   THR A OG1 1 
ATOM   446 C CG2 . THR A 1 63 ? 1.654   7.183   9.902   1.00 14.81 ? 72   THR A CG2 1 
ATOM   447 N N   . PRO A 1 64 ? 1.754   7.525   5.273   1.00 15.05 ? 73   PRO A N   1 
ATOM   448 C CA  . PRO A 1 64 ? 2.269   8.218   4.091   1.00 13.58 ? 73   PRO A CA  1 
ATOM   449 C C   . PRO A 1 64 ? 3.212   9.369   4.382   1.00 13.56 ? 73   PRO A C   1 
ATOM   450 O O   . PRO A 1 64 ? 4.217   9.526   3.713   1.00 13.49 ? 73   PRO A O   1 
ATOM   451 C CB  . PRO A 1 64 ? 0.977   8.729   3.400   1.00 13.32 ? 73   PRO A CB  1 
ATOM   452 C CG  . PRO A 1 64 ? -0.064  7.764   3.826   1.00 13.79 ? 73   PRO A CG  1 
ATOM   453 C CD  . PRO A 1 64 ? 0.299   7.344   5.246   1.00 13.39 ? 73   PRO A CD  1 
ATOM   454 N N   . ALA A 1 65 ? 2.871   10.232  5.331   1.00 14.45 ? 74   ALA A N   1 
ATOM   455 C CA  . ALA A 1 65 ? 3.687   11.431  5.543   1.00 15.59 ? 74   ALA A CA  1 
ATOM   456 C C   . ALA A 1 65 ? 5.096   11.048  5.967   1.00 17.27 ? 74   ALA A C   1 
ATOM   457 O O   . ALA A 1 65 ? 6.070   11.752  5.688   1.00 18.46 ? 74   ALA A O   1 
ATOM   458 C CB  . ALA A 1 65 ? 3.066   12.343  6.561   1.00 15.33 ? 74   ALA A CB  1 
ATOM   459 N N   . GLN A 1 66 ? 5.185   9.918   6.647   1.00 16.76 ? 75   GLN A N   1 
ATOM   460 C CA  . GLN A 1 66 ? 6.423   9.493   7.207   1.00 19.02 ? 75   GLN A CA  1 
ATOM   461 C C   . GLN A 1 66 ? 7.342   8.831   6.142   1.00 16.57 ? 75   GLN A C   1 
ATOM   462 O O   . GLN A 1 66 ? 8.532   8.844   6.249   1.00 15.32 ? 75   GLN A O   1 
ATOM   463 C CB  . GLN A 1 66 ? 6.015   8.561   8.293   1.00 20.61 ? 75   GLN A CB  1 
ATOM   464 C CG  . GLN A 1 66 ? 7.100   8.004   9.081   1.00 24.22 ? 75   GLN A CG  1 
ATOM   465 C CD  . GLN A 1 66 ? 6.705   6.676   9.665   1.00 26.09 ? 75   GLN A CD  1 
ATOM   466 O OE1 . GLN A 1 66 ? 5.530   6.525   10.222  1.00 19.79 ? 75   GLN A OE1 1 
ATOM   467 N NE2 . GLN A 1 66 ? 7.726   5.674   9.609   1.00 24.00 ? 75   GLN A NE2 1 
ATOM   468 N N   . LEU A 1 67 ? 6.725   8.209   5.144   1.00 16.67 ? 76   LEU A N   1 
ATOM   469 C CA  . LEU A 1 67 ? 7.421   7.660   3.969   1.00 15.77 ? 76   LEU A CA  1 
ATOM   470 C C   . LEU A 1 67 ? 7.452   8.609   2.826   1.00 14.96 ? 76   LEU A C   1 
ATOM   471 O O   . LEU A 1 67 ? 7.863   8.270   1.754   1.00 16.67 ? 76   LEU A O   1 
ATOM   472 C CB  . LEU A 1 67 ? 6.813   6.316   3.523   1.00 15.14 ? 76   LEU A CB  1 
ATOM   473 C CG  . LEU A 1 67 ? 6.659   5.344   4.671   1.00 14.71 ? 76   LEU A CG  1 
ATOM   474 C CD1 . LEU A 1 67 ? 6.099   3.986   4.232   1.00 14.01 ? 76   LEU A CD1 1 
ATOM   475 C CD2 . LEU A 1 67 ? 8.029   5.224   5.334   1.00 16.26 ? 76   LEU A CD2 1 
ATOM   476 N N   . GLU A 1 68 ? 7.059   9.838   3.060   1.00 17.01 ? 77   GLU A N   1 
ATOM   477 C CA  . GLU A 1 68 ? 7.207   10.927  2.109   1.00 16.61 ? 77   GLU A CA  1 
ATOM   478 C C   . GLU A 1 68 ? 6.490   10.584  0.797   1.00 16.91 ? 77   GLU A C   1 
ATOM   479 O O   . GLU A 1 68 ? 6.954   10.841  -0.294  1.00 15.41 ? 77   GLU A O   1 
ATOM   480 C CB  . GLU A 1 68 ? 8.692   11.313  1.964   1.00 17.30 ? 77   GLU A CB  1 
ATOM   481 C CG  . GLU A 1 68 ? 9.203   12.021  3.228   1.00 18.45 ? 77   GLU A CG  1 
ATOM   482 C CD  . GLU A 1 68 ? 10.701  11.952  3.390   1.00 19.15 ? 77   GLU A CD  1 
ATOM   483 O OE1 . GLU A 1 68 ? 11.382  11.413  2.491   1.00 17.67 ? 77   GLU A OE1 1 
ATOM   484 O OE2 . GLU A 1 68 ? 11.195  12.462  4.417   1.00 20.51 ? 77   GLU A OE2 1 
ATOM   485 N N   . MET A 1 69 ? 5.287   10.049  0.956   1.00 17.27 ? 78   MET A N   1 
ATOM   486 C CA  . MET A 1 69 ? 4.440   9.675   -0.167  1.00 17.24 ? 78   MET A CA  1 
ATOM   487 C C   . MET A 1 69 ? 3.632   10.861  -0.540  1.00 16.90 ? 78   MET A C   1 
ATOM   488 O O   . MET A 1 69 ? 3.178   11.635  0.305   1.00 17.75 ? 78   MET A O   1 
ATOM   489 C CB  . MET A 1 69 ? 3.472   8.551   0.200   1.00 15.73 ? 78   MET A CB  1 
ATOM   490 C CG  . MET A 1 69 ? 4.116   7.333   0.752   1.00 15.43 ? 78   MET A CG  1 
ATOM   491 S SD  . MET A 1 69 ? 2.886   6.050   0.952   1.00 17.59 ? 78   MET A SD  1 
ATOM   492 C CE  . MET A 1 69 ? 3.943   4.634   0.834   1.00 17.30 ? 78   MET A CE  1 
ATOM   493 N N   . GLU A 1 70 ? 3.373   10.994  -1.814  1.00 19.13 ? 79   GLU A N   1 
ATOM   494 C CA  . GLU A 1 70 ? 2.574   12.130  -2.275  1.00 20.60 ? 79   GLU A CA  1 
ATOM   495 C C   . GLU A 1 70 ? 1.450   11.593  -3.089  1.00 19.36 ? 79   GLU A C   1 
ATOM   496 O O   . GLU A 1 70 ? 1.469   10.506  -3.510  1.00 15.61 ? 79   GLU A O   1 
ATOM   497 C CB  . GLU A 1 70 ? 3.397   13.043  -3.173  1.00 24.18 ? 79   GLU A CB  1 
ATOM   498 C CG  . GLU A 1 70 ? 4.552   13.786  -2.525  1.00 31.54 ? 79   GLU A CG  1 
ATOM   499 C CD  . GLU A 1 70 ? 5.665   14.109  -3.530  1.00 39.68 ? 79   GLU A CD  1 
ATOM   500 O OE1 . GLU A 1 70 ? 5.690   13.478  -4.622  1.00 51.93 ? 79   GLU A OE1 1 
ATOM   501 O OE2 . GLU A 1 70 ? 6.532   14.970  -3.244  1.00 42.46 ? 79   GLU A OE2 1 
ATOM   502 N N   . ASP A 1 71 ? 0.525   12.463  -3.372  1.00 22.21 ? 80   ASP A N   1 
ATOM   503 C CA  . ASP A 1 71 ? -0.605  12.169  -4.160  1.00 25.88 ? 80   ASP A CA  1 
ATOM   504 C C   . ASP A 1 71 ? -0.210  11.518  -5.487  1.00 26.10 ? 80   ASP A C   1 
ATOM   505 O O   . ASP A 1 71 ? 0.639   12.053  -6.200  1.00 26.72 ? 80   ASP A O   1 
ATOM   506 C CB  . ASP A 1 71 ? -1.355  13.476  -4.382  1.00 27.56 ? 80   ASP A CB  1 
ATOM   507 C CG  . ASP A 1 71 ? -2.699  13.251  -4.830  1.00 30.30 ? 80   ASP A CG  1 
ATOM   508 O OD1 . ASP A 1 71 ? -3.497  12.695  -4.037  1.00 33.68 ? 80   ASP A OD1 1 
ATOM   509 O OD2 . ASP A 1 71 ? -2.965  13.631  -5.985  1.00 36.90 ? 80   ASP A OD2 1 
ATOM   510 N N   . GLU A 1 72 ? -0.795  10.344  -5.758  1.00 22.28 ? 81   GLU A N   1 
ATOM   511 C CA  . GLU A 1 72 ? -0.573  9.525   -6.958  1.00 22.70 ? 81   GLU A CA  1 
ATOM   512 C C   . GLU A 1 72 ? 0.659   8.645   -6.952  1.00 19.28 ? 81   GLU A C   1 
ATOM   513 O O   . GLU A 1 72 ? 0.967   7.965   -7.963  1.00 18.31 ? 81   GLU A O   1 
ATOM   514 C CB  . GLU A 1 72 ? -0.649  10.354  -8.249  1.00 25.90 ? 81   GLU A CB  1 
ATOM   515 C CG  . GLU A 1 72 ? -1.950  11.146  -8.382  1.00 27.73 ? 81   GLU A CG  1 
ATOM   516 C CD  . GLU A 1 72 ? -3.202  10.277  -8.437  1.00 30.13 ? 81   GLU A CD  1 
ATOM   517 O OE1 . GLU A 1 72 ? -3.113  9.027   -8.571  1.00 33.59 ? 81   GLU A OE1 1 
ATOM   518 O OE2 . GLU A 1 72 ? -4.309  10.857  -8.339  1.00 36.63 ? 81   GLU A OE2 1 
ATOM   519 N N   . ASP A 1 73 ? 1.346   8.612   -5.814  1.00 17.29 ? 82   ASP A N   1 
ATOM   520 C CA  . ASP A 1 73 ? 2.434   7.677   -5.638  1.00 16.93 ? 82   ASP A CA  1 
ATOM   521 C C   . ASP A 1 73 ? 1.963   6.237   -5.740  1.00 15.92 ? 82   ASP A C   1 
ATOM   522 O O   . ASP A 1 73 ? 0.789   5.973   -5.544  1.00 15.72 ? 82   ASP A O   1 
ATOM   523 C CB  . ASP A 1 73 ? 3.152   7.866   -4.341  1.00 17.66 ? 82   ASP A CB  1 
ATOM   524 C CG  . ASP A 1 73 ? 4.306   8.851   -4.443  1.00 19.87 ? 82   ASP A CG  1 
ATOM   525 O OD1 . ASP A 1 73 ? 4.744   9.127   -5.582  1.00 22.38 ? 82   ASP A OD1 1 
ATOM   526 O OD2 . ASP A 1 73 ? 4.781   9.331   -3.379  1.00 16.59 ? 82   ASP A OD2 1 
ATOM   527 N N   . THR A 1 74 ? 2.919   5.342   -6.025  1.00 15.18 ? 83   THR A N   1 
ATOM   528 C CA  . THR A 1 74 ? 2.705   3.896   -6.175  1.00 15.40 ? 83   THR A CA  1 
ATOM   529 C C   . THR A 1 74 ? 3.381   3.005   -5.126  1.00 15.46 ? 83   THR A C   1 
ATOM   530 O O   . THR A 1 74 ? 4.574   3.175   -4.846  1.00 16.25 ? 83   THR A O   1 
ATOM   531 C CB  . THR A 1 74 ? 3.058   3.434   -7.586  1.00 15.63 ? 83   THR A CB  1 
ATOM   532 O OG1 . THR A 1 74 ? 2.157   4.081   -8.493  1.00 14.86 ? 83   THR A OG1 1 
ATOM   533 C CG2 . THR A 1 74 ? 2.877   1.955   -7.691  1.00 17.71 ? 83   THR A CG2 1 
ATOM   534 N N   . ILE A 1 75 ? 2.565   2.129   -4.511  1.00 13.63 ? 84   ILE A N   1 
ATOM   535 C CA  . ILE A 1 75 ? 3.039   1.082   -3.606  1.00 12.72 ? 84   ILE A CA  1 
ATOM   536 C C   . ILE A 1 75 ? 3.070   -0.224  -4.421  1.00 13.08 ? 84   ILE A C   1 
ATOM   537 O O   . ILE A 1 75 ? 2.123   -0.543  -5.116  1.00 11.17 ? 84   ILE A O   1 
ATOM   538 C CB  . ILE A 1 75 ? 2.109   0.918   -2.401  1.00 12.42 ? 84   ILE A CB  1 
ATOM   539 C CG1 . ILE A 1 75 ? 2.139   2.217   -1.526  1.00 12.40 ? 84   ILE A CG1 1 
ATOM   540 C CG2 . ILE A 1 75 ? 2.396   -0.368  -1.635  1.00 12.04 ? 84   ILE A CG2 1 
ATOM   541 C CD1 . ILE A 1 75 ? 0.987   2.403   -0.532  1.00 12.52 ? 84   ILE A CD1 1 
ATOM   542 N N   . ASP A 1 76 ? 4.191   -0.962  -4.315  1.00 13.83 ? 85   ASP A N   1 
ATOM   543 C CA  . ASP A 1 76 ? 4.415   -2.212  -4.971  1.00 14.32 ? 85   ASP A CA  1 
ATOM   544 C C   . ASP A 1 76 ? 4.074   -3.352  -4.077  1.00 15.38 ? 85   ASP A C   1 
ATOM   545 O O   . ASP A 1 76 ? 4.452   -3.373  -2.954  1.00 13.91 ? 85   ASP A O   1 
ATOM   546 C CB  . ASP A 1 76 ? 5.842   -2.283  -5.439  1.00 15.82 ? 85   ASP A CB  1 
ATOM   547 C CG  . ASP A 1 76 ? 6.166   -1.157  -6.422  1.00 16.71 ? 85   ASP A CG  1 
ATOM   548 O OD1 . ASP A 1 76 ? 5.437   -1.041  -7.422  1.00 16.40 ? 85   ASP A OD1 1 
ATOM   549 O OD2 . ASP A 1 76 ? 7.030   -0.315  -6.100  1.00 19.61 ? 85   ASP A OD2 1 
ATOM   550 N N   . VAL A 1 77 ? 3.306   -4.286  -4.598  1.00 16.67 ? 86   VAL A N   1 
ATOM   551 C CA  . VAL A 1 77 ? 2.930   -5.517  -3.899  1.00 21.86 ? 86   VAL A CA  1 
ATOM   552 C C   . VAL A 1 77 ? 3.689   -6.703  -4.505  1.00 24.05 ? 86   VAL A C   1 
ATOM   553 O O   . VAL A 1 77 ? 3.937   -6.733  -5.716  1.00 24.58 ? 86   VAL A O   1 
ATOM   554 C CB  . VAL A 1 77 ? 1.398   -5.734  -3.951  1.00 24.20 ? 86   VAL A CB  1 
ATOM   555 C CG1 . VAL A 1 77 ? 0.972   -7.066  -3.304  1.00 27.39 ? 86   VAL A CG1 1 
ATOM   556 C CG2 . VAL A 1 77 ? 0.724   -4.630  -3.163  1.00 26.15 ? 86   VAL A CG2 1 
ATOM   557 N N   . PHE A 1 78 ? 4.102   -7.649  -3.645  1.00 30.21 ? 87   PHE A N   1 
ATOM   558 C CA  . PHE A 1 78 ? 4.914   -8.844  -4.041  1.00 33.83 ? 87   PHE A CA  1 
ATOM   559 C C   . PHE A 1 78 ? 4.425   -10.090 -3.329  1.00 38.44 ? 87   PHE A C   1 
ATOM   560 O O   . PHE A 1 78 ? 3.770   -9.976  -2.303  1.00 41.78 ? 87   PHE A O   1 
ATOM   561 C CB  . PHE A 1 78 ? 6.392   -8.634  -3.657  1.00 31.82 ? 87   PHE A CB  1 
ATOM   562 C CG  . PHE A 1 78 ? 7.007   -7.438  -4.312  1.00 33.27 ? 87   PHE A CG  1 
ATOM   563 C CD1 . PHE A 1 78 ? 7.479   -7.514  -5.618  1.00 32.66 ? 87   PHE A CD1 1 
ATOM   564 C CD2 . PHE A 1 78 ? 7.090   -6.207  -3.639  1.00 34.48 ? 87   PHE A CD2 1 
ATOM   565 C CE1 . PHE A 1 78 ? 8.008   -6.390  -6.259  1.00 34.45 ? 87   PHE A CE1 1 
ATOM   566 C CE2 . PHE A 1 78 ? 7.631   -5.080  -4.264  1.00 33.59 ? 87   PHE A CE2 1 
ATOM   567 C CZ  . PHE A 1 78 ? 8.083   -5.165  -5.586  1.00 34.58 ? 87   PHE A CZ  1 
ATOM   568 N N   . GLN A 1 79 ? 4.784   -11.270 -3.829  1.00 45.61 ? 88   GLN A N   1 
ATOM   569 C CA  . GLN A 1 79 ? 4.584   -12.542 -3.076  1.00 47.33 ? 88   GLN A CA  1 
ATOM   570 C C   . GLN A 1 79 ? 5.649   -12.733 -1.969  1.00 48.97 ? 88   GLN A C   1 
ATOM   571 O O   . GLN A 1 79 ? 6.731   -12.173 -2.065  1.00 51.69 ? 88   GLN A O   1 
ATOM   572 C CB  . GLN A 1 79 ? 4.591   -13.748 -4.028  1.00 53.59 ? 88   GLN A CB  1 
ATOM   573 C CG  . GLN A 1 79 ? 3.290   -13.951 -4.816  1.00 60.64 ? 88   GLN A CG  1 
ATOM   574 C CD  . GLN A 1 79 ? 2.822   -15.420 -4.954  1.00 69.00 ? 88   GLN A CD  1 
ATOM   575 O OE1 . GLN A 1 79 ? 3.273   -16.329 -4.234  1.00 70.25 ? 88   GLN A OE1 1 
ATOM   576 N NE2 . GLN A 1 79 ? 1.877   -15.643 -5.875  1.00 71.15 ? 88   GLN A NE2 1 
ATOM   577 N N   . GLN A 1 80 ? 5.356   -13.527 -0.935  1.00 51.74 ? 89   GLN A N   1 
ATOM   578 C CA  . GLN A 1 80 ? 6.304   -13.752 0.190   1.00 60.96 ? 89   GLN A CA  1 
ATOM   579 C C   . GLN A 1 80 ? 7.102   -15.082 0.121   1.00 60.39 ? 89   GLN A C   1 
ATOM   580 O O   . GLN A 1 80 ? 6.981   -15.892 -0.822  1.00 59.31 ? 89   GLN A O   1 
ATOM   581 C CB  . GLN A 1 80 ? 5.550   -13.648 1.536   1.00 64.72 ? 89   GLN A CB  1 
ATOM   582 C CG  . GLN A 1 80 ? 6.372   -13.104 2.708   1.00 69.74 ? 89   GLN A CG  1 
ATOM   583 C CD  . GLN A 1 80 ? 5.556   -12.257 3.705   1.00 79.90 ? 89   GLN A CD  1 
ATOM   584 O OE1 . GLN A 1 80 ? 4.321   -12.272 3.698   1.00 80.61 ? 89   GLN A OE1 1 
ATOM   585 N NE2 . GLN A 1 80 ? 6.257   -11.502 4.566   1.00 82.67 ? 89   GLN A NE2 1 
HETATM 586 O O   . HOH B 2 .  ? -5.421  16.561  1.532   1.00 45.72 ? 2001 HOH A O   1 
HETATM 587 O O   . HOH B 2 .  ? -2.960  -4.489  -7.519  1.00 19.93 ? 2002 HOH A O   1 
HETATM 588 O O   . HOH B 2 .  ? 3.611   -11.096 -7.046  1.00 31.74 ? 2003 HOH A O   1 
HETATM 589 O O   . HOH B 2 .  ? 0.272   -10.034 -9.504  1.00 29.40 ? 2004 HOH A O   1 
HETATM 590 O O   . HOH B 2 .  ? -9.644  -0.001  -4.484  1.00 30.52 ? 2005 HOH A O   1 
HETATM 591 O O   . HOH B 2 .  ? -6.585  3.653   2.956   1.00 28.75 ? 2006 HOH A O   1 
HETATM 592 O O   . HOH B 2 .  ? -9.094  6.014   3.996   1.00 29.62 ? 2007 HOH A O   1 
HETATM 593 O O   . HOH B 2 .  ? -7.424  7.772   5.553   1.00 21.57 ? 2008 HOH A O   1 
HETATM 594 O O   . HOH B 2 .  ? 2.680   15.098  4.828   1.00 37.95 ? 2009 HOH A O   1 
HETATM 595 O O   . HOH B 2 .  ? 0.309   15.044  -2.282  1.00 29.56 ? 2010 HOH A O   1 
HETATM 596 O O   . HOH B 2 .  ? -1.085  7.536   12.841  1.00 13.77 ? 2011 HOH A O   1 
HETATM 597 O O   . HOH B 2 .  ? 2.515   10.809  10.222  1.00 23.17 ? 2012 HOH A O   1 
HETATM 598 O O   . HOH B 2 .  ? -5.195  10.612  10.020  1.00 33.93 ? 2013 HOH A O   1 
HETATM 599 O O   . HOH B 2 .  ? -11.658 -10.970 1.664   1.00 29.84 ? 2014 HOH A O   1 
HETATM 600 O O   . HOH B 2 .  ? -13.469 -4.820  2.065   1.00 37.08 ? 2015 HOH A O   1 
HETATM 601 O O   . HOH B 2 .  ? -8.821  -9.132  -7.206  1.00 33.92 ? 2016 HOH A O   1 
HETATM 602 O O   . HOH B 2 .  ? -6.442  -5.929  -9.327  1.00 49.30 ? 2017 HOH A O   1 
HETATM 603 O O   . HOH B 2 .  ? -8.554  -3.427  -3.705  1.00 34.78 ? 2018 HOH A O   1 
HETATM 604 O O   . HOH B 2 .  ? 3.869   -15.812 -1.160  1.00 30.45 ? 2019 HOH A O   1 
HETATM 605 O O   . HOH B 2 .  ? 9.268   -0.778  -3.634  1.00 21.17 ? 2020 HOH A O   1 
HETATM 606 O O   . HOH B 2 .  ? 7.227   1.996   -4.806  1.00 18.72 ? 2021 HOH A O   1 
HETATM 607 O O   . HOH B 2 .  ? 10.407  7.364   1.082   1.00 37.93 ? 2022 HOH A O   1 
HETATM 608 O O   . HOH B 2 .  ? 9.115   1.305   6.472   1.00 25.71 ? 2023 HOH A O   1 
HETATM 609 O O   . HOH B 2 .  ? 6.245   13.810  4.407   1.00 15.72 ? 2024 HOH A O   1 
HETATM 610 O O   . HOH B 2 .  ? 3.273   10.961  -7.102  1.00 30.40 ? 2025 HOH A O   1 
HETATM 611 O O   . HOH B 2 .  ? 5.635   6.264   -6.915  1.00 21.65 ? 2026 HOH A O   1 
HETATM 612 O O   . HOH B 2 .  ? 5.629   0.697   -9.236  1.00 31.86 ? 2027 HOH A O   1 
# 
loop_
_pdbx_poly_seq_scheme.asym_id 
_pdbx_poly_seq_scheme.entity_id 
_pdbx_poly_seq_scheme.seq_id 
_pdbx_poly_seq_scheme.mon_id 
_pdbx_poly_seq_scheme.ndb_seq_num 
_pdbx_poly_seq_scheme.pdb_seq_num 
_pdbx_poly_seq_scheme.auth_seq_num 
_pdbx_poly_seq_scheme.pdb_mon_id 
_pdbx_poly_seq_scheme.auth_mon_id 
_pdbx_poly_seq_scheme.pdb_strand_id 
_pdbx_poly_seq_scheme.pdb_ins_code 
_pdbx_poly_seq_scheme.hetero 
A 1 1   GLY 1   10  ?  ?   ?   A . n 
A 1 2   SER 2   11  ?  ?   ?   A . n 
A 1 3   THR 3   12  ?  ?   ?   A . n 
A 1 4   GLU 4   13  ?  ?   ?   A . n 
A 1 5   ASN 5   14  ?  ?   ?   A . n 
A 1 6   ASN 6   15  ?  ?   ?   A . n 
A 1 7   ASP 7   16  ?  ?   ?   A . n 
A 1 8   HIS 8   17  17 HIS HIS A . n 
A 1 9   ILE 9   18  18 ILE ILE A . n 
A 1 10  ASN 10  19  19 ASN ASN A . n 
A 1 11  LEU 11  20  20 LEU LEU A . n 
A 1 12  LYS 12  21  21 LYS LYS A . n 
A 1 13  VAL 13  22  22 VAL VAL A . n 
A 1 14  ALA 14  23  23 ALA ALA A . n 
A 1 15  GLY 15  24  24 GLY GLY A . n 
A 1 16  GLN 16  25  25 GLN GLN A . n 
A 1 17  ASP 17  26  26 ASP ASP A . n 
A 1 18  GLY 18  27  27 GLY GLY A . n 
A 1 19  SER 19  28  28 SER SER A . n 
A 1 20  VAL 20  29  29 VAL VAL A . n 
A 1 21  VAL 21  30  30 VAL VAL A . n 
A 1 22  GLN 22  31  31 GLN GLN A . n 
A 1 23  PHE 23  32  32 PHE PHE A . n 
A 1 24  LYS 24  33  33 LYS LYS A . n 
A 1 25  ILE 25  34  34 ILE ILE A . n 
A 1 26  LYS 26  35  35 LYS LYS A . n 
A 1 27  ARG 27  36  36 ARG ARG A . n 
A 1 28  HIS 28  37  37 HIS HIS A . n 
A 1 29  THR 29  38  38 THR THR A . n 
A 1 30  PRO 30  39  39 PRO PRO A . n 
A 1 31  LEU 31  40  40 LEU LEU A . n 
A 1 32  SER 32  41  41 SER SER A . n 
A 1 33  LYS 33  42  42 LYS LYS A . n 
A 1 34  LEU 34  43  43 LEU LEU A . n 
A 1 35  MET 35  44  44 MET MET A . n 
A 1 36  LYS 36  45  45 LYS LYS A . n 
A 1 37  ALA 37  46  46 ALA ALA A . n 
A 1 38  TYR 38  47  47 TYR TYR A . n 
A 1 39  CYS 39  48  48 CYS CYS A . n 
A 1 40  GLU 40  49  49 GLU GLU A . n 
A 1 41  ARG 41  50  50 ARG ARG A . n 
A 1 42  GLN 42  51  51 GLN GLN A . n 
A 1 43  GLY 43  52  52 GLY GLY A . n 
A 1 44  LEU 44  53  53 LEU LEU A . n 
A 1 45  SER 45  54  54 SER SER A . n 
A 1 46  MET 46  55  55 MET MET A . n 
A 1 47  ARG 47  56  56 ARG ARG A . n 
A 1 48  GLN 48  57  57 GLN GLN A . n 
A 1 49  ILE 49  58  58 ILE ILE A . n 
A 1 50  ARG 50  59  59 ARG ARG A . n 
A 1 51  PHE 51  60  60 PHE PHE A . n 
A 1 52  ARG 52  61  61 ARG ARG A . n 
A 1 53  PHE 53  62  62 PHE PHE A . n 
A 1 54  ASP 54  63  63 ASP ASP A . n 
A 1 55  GLY 55  64  64 GLY GLY A . n 
A 1 56  GLN 56  65  65 GLN GLN A . n 
A 1 57  PRO 57  66  66 PRO PRO A . n 
A 1 58  ILE 58  67  67 ILE ILE A . n 
A 1 59  ASN 59  68  68 ASN ASN A . n 
A 1 60  GLU 60  69  69 GLU GLU A . n 
A 1 61  THR 61  70  70 THR THR A . n 
A 1 62  ASP 62  71  71 ASP ASP A . n 
A 1 63  THR 63  72  72 THR THR A . n 
A 1 64  PRO 64  73  73 PRO PRO A . n 
A 1 65  ALA 65  74  74 ALA ALA A . n 
A 1 66  GLN 66  75  75 GLN GLN A . n 
A 1 67  LEU 67  76  76 LEU LEU A . n 
A 1 68  GLU 68  77  77 GLU GLU A . n 
A 1 69  MET 69  78  78 MET MET A . n 
A 1 70  GLU 70  79  79 GLU GLU A . n 
A 1 71  ASP 71  80  80 ASP ASP A . n 
A 1 72  GLU 72  81  81 GLU GLU A . n 
A 1 73  ASP 73  82  82 ASP ASP A . n 
A 1 74  THR 74  83  83 THR THR A . n 
A 1 75  ILE 75  84  84 ILE ILE A . n 
A 1 76  ASP 76  85  85 ASP ASP A . n 
A 1 77  VAL 77  86  86 VAL VAL A . n 
A 1 78  PHE 78  87  87 PHE PHE A . n 
A 1 79  GLN 79  88  88 GLN GLN A . n 
A 1 80  GLN 80  89  89 GLN GLN A . n 
A 1 81  GLN 81  90  ?  ?   ?   A . n 
A 1 82  THR 82  91  ?  ?   ?   A . n 
A 1 83  GLY 83  92  ?  ?   ?   A . n 
A 1 84  GLY 84  93  ?  ?   ?   A . n 
A 1 85  ARG 85  94  ?  ?   ?   A . n 
A 1 86  SER 86  95  ?  ?   ?   A . n 
A 1 87  THR 87  96  ?  ?   ?   A . n 
A 1 88  GLU 88  97  ?  ?   ?   A . n 
A 1 89  ASN 89  98  ?  ?   ?   A . n 
A 1 90  ASN 90  99  ?  ?   ?   A . n 
A 1 91  ASP 91  100 ?  ?   ?   A . n 
A 1 92  HIS 92  101 ?  ?   ?   A . n 
A 1 93  ILE 93  102 ?  ?   ?   A . n 
A 1 94  ASN 94  103 ?  ?   ?   A . n 
A 1 95  LEU 95  104 ?  ?   ?   A . n 
A 1 96  LYS 96  105 ?  ?   ?   A . n 
A 1 97  VAL 97  106 ?  ?   ?   A . n 
A 1 98  ALA 98  107 ?  ?   ?   A . n 
A 1 99  GLY 99  108 ?  ?   ?   A . n 
A 1 100 GLN 100 109 ?  ?   ?   A . n 
A 1 101 ASP 101 110 ?  ?   ?   A . n 
A 1 102 GLY 102 111 ?  ?   ?   A . n 
A 1 103 SER 103 112 ?  ?   ?   A . n 
A 1 104 VAL 104 113 ?  ?   ?   A . n 
A 1 105 VAL 105 114 ?  ?   ?   A . n 
A 1 106 GLN 106 115 ?  ?   ?   A . n 
A 1 107 PHE 107 116 ?  ?   ?   A . n 
A 1 108 LYS 108 117 ?  ?   ?   A . n 
A 1 109 ILE 109 118 ?  ?   ?   A . n 
A 1 110 LYS 110 119 ?  ?   ?   A . n 
A 1 111 ARG 111 120 ?  ?   ?   A . n 
A 1 112 HIS 112 121 ?  ?   ?   A . n 
A 1 113 THR 113 122 ?  ?   ?   A . n 
A 1 114 PRO 114 123 ?  ?   ?   A . n 
A 1 115 LEU 115 124 ?  ?   ?   A . n 
A 1 116 SER 116 125 ?  ?   ?   A . n 
A 1 117 LYS 117 126 ?  ?   ?   A . n 
A 1 118 LEU 118 127 ?  ?   ?   A . n 
A 1 119 MET 119 128 ?  ?   ?   A . n 
A 1 120 LYS 120 129 ?  ?   ?   A . n 
A 1 121 ALA 121 130 ?  ?   ?   A . n 
A 1 122 TYR 122 131 ?  ?   ?   A . n 
A 1 123 CYS 123 132 ?  ?   ?   A . n 
A 1 124 GLU 124 133 ?  ?   ?   A . n 
A 1 125 ARG 125 134 ?  ?   ?   A . n 
A 1 126 GLN 126 135 ?  ?   ?   A . n 
A 1 127 GLY 127 136 ?  ?   ?   A . n 
A 1 128 LEU 128 137 ?  ?   ?   A . n 
A 1 129 SER 129 138 ?  ?   ?   A . n 
A 1 130 MET 130 139 ?  ?   ?   A . n 
A 1 131 ARG 131 140 ?  ?   ?   A . n 
A 1 132 GLN 132 141 ?  ?   ?   A . n 
A 1 133 ILE 133 142 ?  ?   ?   A . n 
A 1 134 ARG 134 143 ?  ?   ?   A . n 
A 1 135 PHE 135 144 ?  ?   ?   A . n 
A 1 136 ARG 136 145 ?  ?   ?   A . n 
A 1 137 PHE 137 146 ?  ?   ?   A . n 
A 1 138 ASP 138 147 ?  ?   ?   A . n 
A 1 139 GLY 139 148 ?  ?   ?   A . n 
A 1 140 GLN 140 149 ?  ?   ?   A . n 
A 1 141 PRO 141 150 ?  ?   ?   A . n 
A 1 142 ILE 142 151 ?  ?   ?   A . n 
A 1 143 ASN 143 152 ?  ?   ?   A . n 
A 1 144 GLU 144 153 ?  ?   ?   A . n 
A 1 145 THR 145 154 ?  ?   ?   A . n 
A 1 146 ASP 146 155 ?  ?   ?   A . n 
A 1 147 THR 147 156 ?  ?   ?   A . n 
A 1 148 PRO 148 157 ?  ?   ?   A . n 
A 1 149 ALA 149 158 ?  ?   ?   A . n 
A 1 150 GLN 150 159 ?  ?   ?   A . n 
A 1 151 LEU 151 160 ?  ?   ?   A . n 
A 1 152 GLU 152 161 ?  ?   ?   A . n 
A 1 153 MET 153 162 ?  ?   ?   A . n 
A 1 154 GLU 154 163 ?  ?   ?   A . n 
A 1 155 ASP 155 164 ?  ?   ?   A . n 
A 1 156 GLU 156 165 ?  ?   ?   A . n 
A 1 157 ASP 157 166 ?  ?   ?   A . n 
A 1 158 THR 158 167 ?  ?   ?   A . n 
A 1 159 ILE 159 168 ?  ?   ?   A . n 
A 1 160 ASP 160 169 ?  ?   ?   A . n 
A 1 161 VAL 161 170 ?  ?   ?   A . n 
A 1 162 PHE 162 171 ?  ?   ?   A . n 
A 1 163 GLN 163 172 ?  ?   ?   A . n 
A 1 164 GLN 164 173 ?  ?   ?   A . n 
A 1 165 GLN 165 174 ?  ?   ?   A . n 
A 1 166 THR 166 175 ?  ?   ?   A . n 
A 1 167 GLY 167 176 ?  ?   ?   A . n 
A 1 168 GLY 168 177 ?  ?   ?   A . n 
# 
loop_
_pdbx_nonpoly_scheme.asym_id 
_pdbx_nonpoly_scheme.entity_id 
_pdbx_nonpoly_scheme.mon_id 
_pdbx_nonpoly_scheme.ndb_seq_num 
_pdbx_nonpoly_scheme.pdb_seq_num 
_pdbx_nonpoly_scheme.auth_seq_num 
_pdbx_nonpoly_scheme.pdb_mon_id 
_pdbx_nonpoly_scheme.auth_mon_id 
_pdbx_nonpoly_scheme.pdb_strand_id 
_pdbx_nonpoly_scheme.pdb_ins_code 
B 2 HOH 1  2001 2001 HOH HOH A . 
B 2 HOH 2  2002 2002 HOH HOH A . 
B 2 HOH 3  2003 2003 HOH HOH A . 
B 2 HOH 4  2004 2004 HOH HOH A . 
B 2 HOH 5  2005 2005 HOH HOH A . 
B 2 HOH 6  2006 2006 HOH HOH A . 
B 2 HOH 7  2007 2007 HOH HOH A . 
B 2 HOH 8  2008 2008 HOH HOH A . 
B 2 HOH 9  2009 2009 HOH HOH A . 
B 2 HOH 10 2010 2010 HOH HOH A . 
B 2 HOH 11 2011 2011 HOH HOH A . 
B 2 HOH 12 2012 2012 HOH HOH A . 
B 2 HOH 13 2013 2013 HOH HOH A . 
B 2 HOH 14 2014 2014 HOH HOH A . 
B 2 HOH 15 2015 2015 HOH HOH A . 
B 2 HOH 16 2016 2016 HOH HOH A . 
B 2 HOH 17 2017 2017 HOH HOH A . 
B 2 HOH 18 2018 2018 HOH HOH A . 
B 2 HOH 19 2019 2019 HOH HOH A . 
B 2 HOH 20 2020 2020 HOH HOH A . 
B 2 HOH 21 2021 2021 HOH HOH A . 
B 2 HOH 22 2022 2022 HOH HOH A . 
B 2 HOH 23 2023 2023 HOH HOH A . 
B 2 HOH 24 2024 2024 HOH HOH A . 
B 2 HOH 25 2025 2025 HOH HOH A . 
B 2 HOH 26 2026 2026 HOH HOH A . 
B 2 HOH 27 2027 2027 HOH HOH A . 
# 
_pdbx_struct_assembly.id                   1 
_pdbx_struct_assembly.details              author_and_software_defined_assembly 
_pdbx_struct_assembly.method_details       PQS 
_pdbx_struct_assembly.oligomeric_details   dimeric 
_pdbx_struct_assembly.oligomeric_count     2 
# 
_pdbx_struct_assembly_gen.assembly_id       1 
_pdbx_struct_assembly_gen.oper_expression   1,2 
_pdbx_struct_assembly_gen.asym_id_list      A,B 
# 
loop_
_pdbx_struct_oper_list.id 
_pdbx_struct_oper_list.type 
_pdbx_struct_oper_list.name 
_pdbx_struct_oper_list.symmetry_operation 
_pdbx_struct_oper_list.matrix[1][1] 
_pdbx_struct_oper_list.matrix[1][2] 
_pdbx_struct_oper_list.matrix[1][3] 
_pdbx_struct_oper_list.vector[1] 
_pdbx_struct_oper_list.matrix[2][1] 
_pdbx_struct_oper_list.matrix[2][2] 
_pdbx_struct_oper_list.matrix[2][3] 
_pdbx_struct_oper_list.vector[2] 
_pdbx_struct_oper_list.matrix[3][1] 
_pdbx_struct_oper_list.matrix[3][2] 
_pdbx_struct_oper_list.matrix[3][3] 
_pdbx_struct_oper_list.vector[3] 
1 'identity operation'         1_555 x,y,z                 1.0000000000  0.0000000000 0.0000000000  0.0000000000 0.0000000000 1.0000000000 0.0000000000  0.0000000000   0.0000000000 0.0000000000  1.0000000000  0.0000000000  
2 'crystal symmetry operation' 6_444 -x+y-1/3,-x-2/3,z-2/3 -0.3428723010 0.1829568843 -0.9213931646 3.4424913012 0.6905632214 0.7140402043 -0.1151912493 -16.9109765004 0.6368367314 -0.6757761206 -0.3711679032 27.5647508257 
# 
loop_
_pdbx_audit_revision_history.ordinal 
_pdbx_audit_revision_history.data_content_type 
_pdbx_audit_revision_history.major_revision 
_pdbx_audit_revision_history.minor_revision 
_pdbx_audit_revision_history.revision_date 
1 'Structure model' 1 0 2013-11-06 
2 'Structure model' 1 1 2013-12-25 
3 'Structure model' 1 2 2016-09-21 
4 'Structure model' 1 3 2018-04-04 
5 'Structure model' 1 4 2018-06-06 
6 'Structure model' 1 5 2023-12-20 
# 
_pdbx_audit_revision_details.ordinal             1 
_pdbx_audit_revision_details.revision_ordinal    1 
_pdbx_audit_revision_details.data_content_type   'Structure model' 
_pdbx_audit_revision_details.provider            repository 
_pdbx_audit_revision_details.type                'Initial release' 
_pdbx_audit_revision_details.description         ? 
_pdbx_audit_revision_details.details             ? 
# 
loop_
_pdbx_audit_revision_group.ordinal 
_pdbx_audit_revision_group.revision_ordinal 
_pdbx_audit_revision_group.data_content_type 
_pdbx_audit_revision_group.group 
1 2 'Structure model' 'Database references'    
2 3 'Structure model' 'Source and taxonomy'    
3 4 'Structure model' 'Data collection'        
4 5 'Structure model' 'Data collection'        
5 6 'Structure model' 'Data collection'        
6 6 'Structure model' 'Database references'    
7 6 'Structure model' Other                    
8 6 'Structure model' 'Refinement description' 
# 
loop_
_pdbx_audit_revision_category.ordinal 
_pdbx_audit_revision_category.revision_ordinal 
_pdbx_audit_revision_category.data_content_type 
_pdbx_audit_revision_category.category 
1 4 'Structure model' diffrn_source                 
2 5 'Structure model' diffrn_source                 
3 6 'Structure model' chem_comp_atom                
4 6 'Structure model' chem_comp_bond                
5 6 'Structure model' database_2                    
6 6 'Structure model' pdbx_database_status          
7 6 'Structure model' pdbx_initial_refinement_model 
# 
loop_
_pdbx_audit_revision_item.ordinal 
_pdbx_audit_revision_item.revision_ordinal 
_pdbx_audit_revision_item.data_content_type 
_pdbx_audit_revision_item.item 
1 4 'Structure model' '_diffrn_source.type'                  
2 5 'Structure model' '_diffrn_source.pdbx_wavelength_list'  
3 5 'Structure model' '_diffrn_source.source'                
4 6 'Structure model' '_database_2.pdbx_DOI'                 
5 6 'Structure model' '_database_2.pdbx_database_accession'  
6 6 'Structure model' '_pdbx_database_status.status_code_sf' 
# 
loop_
_software.name 
_software.classification 
_software.version 
_software.citation_id 
_software.pdbx_ordinal 
_software.date 
_software.type 
_software.location 
_software.language 
REFMAC refinement       5.7.0029 ? 1 ? ? ? ? 
XDS    'data reduction' .        ? 2 ? ? ? ? 
XDS    'data scaling'   .        ? 3 ? ? ? ? 
PHASER phasing          .        ? 4 ? ? ? ? 
# 
_pdbx_validate_torsion.id              1 
_pdbx_validate_torsion.PDB_model_num   1 
_pdbx_validate_torsion.auth_comp_id    GLU 
_pdbx_validate_torsion.auth_asym_id    A 
_pdbx_validate_torsion.auth_seq_id     81 
_pdbx_validate_torsion.PDB_ins_code    ? 
_pdbx_validate_torsion.label_alt_id    ? 
_pdbx_validate_torsion.phi             81.53 
_pdbx_validate_torsion.psi             5.93 
# 
loop_
_pdbx_unobs_or_zero_occ_atoms.id 
_pdbx_unobs_or_zero_occ_atoms.PDB_model_num 
_pdbx_unobs_or_zero_occ_atoms.polymer_flag 
_pdbx_unobs_or_zero_occ_atoms.occupancy_flag 
_pdbx_unobs_or_zero_occ_atoms.auth_asym_id 
_pdbx_unobs_or_zero_occ_atoms.auth_comp_id 
_pdbx_unobs_or_zero_occ_atoms.auth_seq_id 
_pdbx_unobs_or_zero_occ_atoms.PDB_ins_code 
_pdbx_unobs_or_zero_occ_atoms.auth_atom_id 
_pdbx_unobs_or_zero_occ_atoms.label_alt_id 
_pdbx_unobs_or_zero_occ_atoms.label_asym_id 
_pdbx_unobs_or_zero_occ_atoms.label_comp_id 
_pdbx_unobs_or_zero_occ_atoms.label_seq_id 
_pdbx_unobs_or_zero_occ_atoms.label_atom_id 
1 1 Y 1 A GLN 57 ? CD  ? A GLN 48 CD  
2 1 Y 1 A GLN 57 ? OE1 ? A GLN 48 OE1 
3 1 Y 1 A GLN 57 ? NE2 ? A GLN 48 NE2 
4 1 Y 1 A ARG 59 ? CD  ? A ARG 50 CD  
5 1 Y 1 A ARG 59 ? NE  ? A ARG 50 NE  
6 1 Y 1 A ARG 59 ? CZ  ? A ARG 50 CZ  
7 1 Y 1 A ARG 59 ? NH1 ? A ARG 50 NH1 
8 1 Y 1 A ARG 59 ? NH2 ? A ARG 50 NH2 
# 
loop_
_pdbx_unobs_or_zero_occ_residues.id 
_pdbx_unobs_or_zero_occ_residues.PDB_model_num 
_pdbx_unobs_or_zero_occ_residues.polymer_flag 
_pdbx_unobs_or_zero_occ_residues.occupancy_flag 
_pdbx_unobs_or_zero_occ_residues.auth_asym_id 
_pdbx_unobs_or_zero_occ_residues.auth_comp_id 
_pdbx_unobs_or_zero_occ_residues.auth_seq_id 
_pdbx_unobs_or_zero_occ_residues.PDB_ins_code 
_pdbx_unobs_or_zero_occ_residues.label_asym_id 
_pdbx_unobs_or_zero_occ_residues.label_comp_id 
_pdbx_unobs_or_zero_occ_residues.label_seq_id 
1  1 Y 1 A GLY 10  ? A GLY 1   
2  1 Y 1 A SER 11  ? A SER 2   
3  1 Y 1 A THR 12  ? A THR 3   
4  1 Y 1 A GLU 13  ? A GLU 4   
5  1 Y 1 A ASN 14  ? A ASN 5   
6  1 Y 1 A ASN 15  ? A ASN 6   
7  1 Y 1 A ASP 16  ? A ASP 7   
8  1 Y 1 A GLN 90  ? A GLN 81  
9  1 Y 1 A THR 91  ? A THR 82  
10 1 Y 1 A GLY 92  ? A GLY 83  
11 1 Y 1 A GLY 93  ? A GLY 84  
12 1 Y 1 A ARG 94  ? A ARG 85  
13 1 Y 1 A SER 95  ? A SER 86  
14 1 Y 1 A THR 96  ? A THR 87  
15 1 Y 1 A GLU 97  ? A GLU 88  
16 1 Y 1 A ASN 98  ? A ASN 89  
17 1 Y 1 A ASN 99  ? A ASN 90  
18 1 Y 1 A ASP 100 ? A ASP 91  
19 1 Y 1 A HIS 101 ? A HIS 92  
20 1 Y 1 A ILE 102 ? A ILE 93  
21 1 Y 1 A ASN 103 ? A ASN 94  
22 1 Y 1 A LEU 104 ? A LEU 95  
23 1 Y 1 A LYS 105 ? A LYS 96  
24 1 Y 1 A VAL 106 ? A VAL 97  
25 1 Y 1 A ALA 107 ? A ALA 98  
26 1 Y 1 A GLY 108 ? A GLY 99  
27 1 Y 1 A GLN 109 ? A GLN 100 
28 1 Y 1 A ASP 110 ? A ASP 101 
29 1 Y 1 A GLY 111 ? A GLY 102 
30 1 Y 1 A SER 112 ? A SER 103 
31 1 Y 1 A VAL 113 ? A VAL 104 
32 1 Y 1 A VAL 114 ? A VAL 105 
33 1 Y 1 A GLN 115 ? A GLN 106 
34 1 Y 1 A PHE 116 ? A PHE 107 
35 1 Y 1 A LYS 117 ? A LYS 108 
36 1 Y 1 A ILE 118 ? A ILE 109 
37 1 Y 1 A LYS 119 ? A LYS 110 
38 1 Y 1 A ARG 120 ? A ARG 111 
39 1 Y 1 A HIS 121 ? A HIS 112 
40 1 Y 1 A THR 122 ? A THR 113 
41 1 Y 1 A PRO 123 ? A PRO 114 
42 1 Y 1 A LEU 124 ? A LEU 115 
43 1 Y 1 A SER 125 ? A SER 116 
44 1 Y 1 A LYS 126 ? A LYS 117 
45 1 Y 1 A LEU 127 ? A LEU 118 
46 1 Y 1 A MET 128 ? A MET 119 
47 1 Y 1 A LYS 129 ? A LYS 120 
48 1 Y 1 A ALA 130 ? A ALA 121 
49 1 Y 1 A TYR 131 ? A TYR 122 
50 1 Y 1 A CYS 132 ? A CYS 123 
51 1 Y 1 A GLU 133 ? A GLU 124 
52 1 Y 1 A ARG 134 ? A ARG 125 
53 1 Y 1 A GLN 135 ? A GLN 126 
54 1 Y 1 A GLY 136 ? A GLY 127 
55 1 Y 1 A LEU 137 ? A LEU 128 
56 1 Y 1 A SER 138 ? A SER 129 
57 1 Y 1 A MET 139 ? A MET 130 
58 1 Y 1 A ARG 140 ? A ARG 131 
59 1 Y 1 A GLN 141 ? A GLN 132 
60 1 Y 1 A ILE 142 ? A ILE 133 
61 1 Y 1 A ARG 143 ? A ARG 134 
62 1 Y 1 A PHE 144 ? A PHE 135 
63 1 Y 1 A ARG 145 ? A ARG 136 
64 1 Y 1 A PHE 146 ? A PHE 137 
65 1 Y 1 A ASP 147 ? A ASP 138 
66 1 Y 1 A GLY 148 ? A GLY 139 
67 1 Y 1 A GLN 149 ? A GLN 140 
68 1 Y 1 A PRO 150 ? A PRO 141 
69 1 Y 1 A ILE 151 ? A ILE 142 
70 1 Y 1 A ASN 152 ? A ASN 143 
71 1 Y 1 A GLU 153 ? A GLU 144 
72 1 Y 1 A THR 154 ? A THR 145 
73 1 Y 1 A ASP 155 ? A ASP 146 
74 1 Y 1 A THR 156 ? A THR 147 
75 1 Y 1 A PRO 157 ? A PRO 148 
76 1 Y 1 A ALA 158 ? A ALA 149 
77 1 Y 1 A GLN 159 ? A GLN 150 
78 1 Y 1 A LEU 160 ? A LEU 151 
79 1 Y 1 A GLU 161 ? A GLU 152 
80 1 Y 1 A MET 162 ? A MET 153 
81 1 Y 1 A GLU 163 ? A GLU 154 
82 1 Y 1 A ASP 164 ? A ASP 155 
83 1 Y 1 A GLU 165 ? A GLU 156 
84 1 Y 1 A ASP 166 ? A ASP 157 
85 1 Y 1 A THR 167 ? A THR 158 
86 1 Y 1 A ILE 168 ? A ILE 159 
87 1 Y 1 A ASP 169 ? A ASP 160 
88 1 Y 1 A VAL 170 ? A VAL 161 
89 1 Y 1 A PHE 171 ? A PHE 162 
90 1 Y 1 A GLN 172 ? A GLN 163 
91 1 Y 1 A GLN 173 ? A GLN 164 
92 1 Y 1 A GLN 174 ? A GLN 165 
93 1 Y 1 A THR 175 ? A THR 166 
94 1 Y 1 A GLY 176 ? A GLY 167 
95 1 Y 1 A GLY 177 ? A GLY 168 
# 
loop_
_chem_comp_atom.comp_id 
_chem_comp_atom.atom_id 
_chem_comp_atom.type_symbol 
_chem_comp_atom.pdbx_aromatic_flag 
_chem_comp_atom.pdbx_stereo_config 
_chem_comp_atom.pdbx_ordinal 
ALA N    N N N 1   
ALA CA   C N S 2   
ALA C    C N N 3   
ALA O    O N N 4   
ALA CB   C N N 5   
ALA OXT  O N N 6   
ALA H    H N N 7   
ALA H2   H N N 8   
ALA HA   H N N 9   
ALA HB1  H N N 10  
ALA HB2  H N N 11  
ALA HB3  H N N 12  
ALA HXT  H N N 13  
ARG N    N N N 14  
ARG CA   C N S 15  
ARG C    C N N 16  
ARG O    O N N 17  
ARG CB   C N N 18  
ARG CG   C N N 19  
ARG CD   C N N 20  
ARG NE   N N N 21  
ARG CZ   C N N 22  
ARG NH1  N N N 23  
ARG NH2  N N N 24  
ARG OXT  O N N 25  
ARG H    H N N 26  
ARG H2   H N N 27  
ARG HA   H N N 28  
ARG HB2  H N N 29  
ARG HB3  H N N 30  
ARG HG2  H N N 31  
ARG HG3  H N N 32  
ARG HD2  H N N 33  
ARG HD3  H N N 34  
ARG HE   H N N 35  
ARG HH11 H N N 36  
ARG HH12 H N N 37  
ARG HH21 H N N 38  
ARG HH22 H N N 39  
ARG HXT  H N N 40  
ASN N    N N N 41  
ASN CA   C N S 42  
ASN C    C N N 43  
ASN O    O N N 44  
ASN CB   C N N 45  
ASN CG   C N N 46  
ASN OD1  O N N 47  
ASN ND2  N N N 48  
ASN OXT  O N N 49  
ASN H    H N N 50  
ASN H2   H N N 51  
ASN HA   H N N 52  
ASN HB2  H N N 53  
ASN HB3  H N N 54  
ASN HD21 H N N 55  
ASN HD22 H N N 56  
ASN HXT  H N N 57  
ASP N    N N N 58  
ASP CA   C N S 59  
ASP C    C N N 60  
ASP O    O N N 61  
ASP CB   C N N 62  
ASP CG   C N N 63  
ASP OD1  O N N 64  
ASP OD2  O N N 65  
ASP OXT  O N N 66  
ASP H    H N N 67  
ASP H2   H N N 68  
ASP HA   H N N 69  
ASP HB2  H N N 70  
ASP HB3  H N N 71  
ASP HD2  H N N 72  
ASP HXT  H N N 73  
CYS N    N N N 74  
CYS CA   C N R 75  
CYS C    C N N 76  
CYS O    O N N 77  
CYS CB   C N N 78  
CYS SG   S N N 79  
CYS OXT  O N N 80  
CYS H    H N N 81  
CYS H2   H N N 82  
CYS HA   H N N 83  
CYS HB2  H N N 84  
CYS HB3  H N N 85  
CYS HG   H N N 86  
CYS HXT  H N N 87  
GLN N    N N N 88  
GLN CA   C N S 89  
GLN C    C N N 90  
GLN O    O N N 91  
GLN CB   C N N 92  
GLN CG   C N N 93  
GLN CD   C N N 94  
GLN OE1  O N N 95  
GLN NE2  N N N 96  
GLN OXT  O N N 97  
GLN H    H N N 98  
GLN H2   H N N 99  
GLN HA   H N N 100 
GLN HB2  H N N 101 
GLN HB3  H N N 102 
GLN HG2  H N N 103 
GLN HG3  H N N 104 
GLN HE21 H N N 105 
GLN HE22 H N N 106 
GLN HXT  H N N 107 
GLU N    N N N 108 
GLU CA   C N S 109 
GLU C    C N N 110 
GLU O    O N N 111 
GLU CB   C N N 112 
GLU CG   C N N 113 
GLU CD   C N N 114 
GLU OE1  O N N 115 
GLU OE2  O N N 116 
GLU OXT  O N N 117 
GLU H    H N N 118 
GLU H2   H N N 119 
GLU HA   H N N 120 
GLU HB2  H N N 121 
GLU HB3  H N N 122 
GLU HG2  H N N 123 
GLU HG3  H N N 124 
GLU HE2  H N N 125 
GLU HXT  H N N 126 
GLY N    N N N 127 
GLY CA   C N N 128 
GLY C    C N N 129 
GLY O    O N N 130 
GLY OXT  O N N 131 
GLY H    H N N 132 
GLY H2   H N N 133 
GLY HA2  H N N 134 
GLY HA3  H N N 135 
GLY HXT  H N N 136 
HIS N    N N N 137 
HIS CA   C N S 138 
HIS C    C N N 139 
HIS O    O N N 140 
HIS CB   C N N 141 
HIS CG   C Y N 142 
HIS ND1  N Y N 143 
HIS CD2  C Y N 144 
HIS CE1  C Y N 145 
HIS NE2  N Y N 146 
HIS OXT  O N N 147 
HIS H    H N N 148 
HIS H2   H N N 149 
HIS HA   H N N 150 
HIS HB2  H N N 151 
HIS HB3  H N N 152 
HIS HD1  H N N 153 
HIS HD2  H N N 154 
HIS HE1  H N N 155 
HIS HE2  H N N 156 
HIS HXT  H N N 157 
HOH O    O N N 158 
HOH H1   H N N 159 
HOH H2   H N N 160 
ILE N    N N N 161 
ILE CA   C N S 162 
ILE C    C N N 163 
ILE O    O N N 164 
ILE CB   C N S 165 
ILE CG1  C N N 166 
ILE CG2  C N N 167 
ILE CD1  C N N 168 
ILE OXT  O N N 169 
ILE H    H N N 170 
ILE H2   H N N 171 
ILE HA   H N N 172 
ILE HB   H N N 173 
ILE HG12 H N N 174 
ILE HG13 H N N 175 
ILE HG21 H N N 176 
ILE HG22 H N N 177 
ILE HG23 H N N 178 
ILE HD11 H N N 179 
ILE HD12 H N N 180 
ILE HD13 H N N 181 
ILE HXT  H N N 182 
LEU N    N N N 183 
LEU CA   C N S 184 
LEU C    C N N 185 
LEU O    O N N 186 
LEU CB   C N N 187 
LEU CG   C N N 188 
LEU CD1  C N N 189 
LEU CD2  C N N 190 
LEU OXT  O N N 191 
LEU H    H N N 192 
LEU H2   H N N 193 
LEU HA   H N N 194 
LEU HB2  H N N 195 
LEU HB3  H N N 196 
LEU HG   H N N 197 
LEU HD11 H N N 198 
LEU HD12 H N N 199 
LEU HD13 H N N 200 
LEU HD21 H N N 201 
LEU HD22 H N N 202 
LEU HD23 H N N 203 
LEU HXT  H N N 204 
LYS N    N N N 205 
LYS CA   C N S 206 
LYS C    C N N 207 
LYS O    O N N 208 
LYS CB   C N N 209 
LYS CG   C N N 210 
LYS CD   C N N 211 
LYS CE   C N N 212 
LYS NZ   N N N 213 
LYS OXT  O N N 214 
LYS H    H N N 215 
LYS H2   H N N 216 
LYS HA   H N N 217 
LYS HB2  H N N 218 
LYS HB3  H N N 219 
LYS HG2  H N N 220 
LYS HG3  H N N 221 
LYS HD2  H N N 222 
LYS HD3  H N N 223 
LYS HE2  H N N 224 
LYS HE3  H N N 225 
LYS HZ1  H N N 226 
LYS HZ2  H N N 227 
LYS HZ3  H N N 228 
LYS HXT  H N N 229 
MET N    N N N 230 
MET CA   C N S 231 
MET C    C N N 232 
MET O    O N N 233 
MET CB   C N N 234 
MET CG   C N N 235 
MET SD   S N N 236 
MET CE   C N N 237 
MET OXT  O N N 238 
MET H    H N N 239 
MET H2   H N N 240 
MET HA   H N N 241 
MET HB2  H N N 242 
MET HB3  H N N 243 
MET HG2  H N N 244 
MET HG3  H N N 245 
MET HE1  H N N 246 
MET HE2  H N N 247 
MET HE3  H N N 248 
MET HXT  H N N 249 
PHE N    N N N 250 
PHE CA   C N S 251 
PHE C    C N N 252 
PHE O    O N N 253 
PHE CB   C N N 254 
PHE CG   C Y N 255 
PHE CD1  C Y N 256 
PHE CD2  C Y N 257 
PHE CE1  C Y N 258 
PHE CE2  C Y N 259 
PHE CZ   C Y N 260 
PHE OXT  O N N 261 
PHE H    H N N 262 
PHE H2   H N N 263 
PHE HA   H N N 264 
PHE HB2  H N N 265 
PHE HB3  H N N 266 
PHE HD1  H N N 267 
PHE HD2  H N N 268 
PHE HE1  H N N 269 
PHE HE2  H N N 270 
PHE HZ   H N N 271 
PHE HXT  H N N 272 
PRO N    N N N 273 
PRO CA   C N S 274 
PRO C    C N N 275 
PRO O    O N N 276 
PRO CB   C N N 277 
PRO CG   C N N 278 
PRO CD   C N N 279 
PRO OXT  O N N 280 
PRO H    H N N 281 
PRO HA   H N N 282 
PRO HB2  H N N 283 
PRO HB3  H N N 284 
PRO HG2  H N N 285 
PRO HG3  H N N 286 
PRO HD2  H N N 287 
PRO HD3  H N N 288 
PRO HXT  H N N 289 
SER N    N N N 290 
SER CA   C N S 291 
SER C    C N N 292 
SER O    O N N 293 
SER CB   C N N 294 
SER OG   O N N 295 
SER OXT  O N N 296 
SER H    H N N 297 
SER H2   H N N 298 
SER HA   H N N 299 
SER HB2  H N N 300 
SER HB3  H N N 301 
SER HG   H N N 302 
SER HXT  H N N 303 
THR N    N N N 304 
THR CA   C N S 305 
THR C    C N N 306 
THR O    O N N 307 
THR CB   C N R 308 
THR OG1  O N N 309 
THR CG2  C N N 310 
THR OXT  O N N 311 
THR H    H N N 312 
THR H2   H N N 313 
THR HA   H N N 314 
THR HB   H N N 315 
THR HG1  H N N 316 
THR HG21 H N N 317 
THR HG22 H N N 318 
THR HG23 H N N 319 
THR HXT  H N N 320 
TYR N    N N N 321 
TYR CA   C N S 322 
TYR C    C N N 323 
TYR O    O N N 324 
TYR CB   C N N 325 
TYR CG   C Y N 326 
TYR CD1  C Y N 327 
TYR CD2  C Y N 328 
TYR CE1  C Y N 329 
TYR CE2  C Y N 330 
TYR CZ   C Y N 331 
TYR OH   O N N 332 
TYR OXT  O N N 333 
TYR H    H N N 334 
TYR H2   H N N 335 
TYR HA   H N N 336 
TYR HB2  H N N 337 
TYR HB3  H N N 338 
TYR HD1  H N N 339 
TYR HD2  H N N 340 
TYR HE1  H N N 341 
TYR HE2  H N N 342 
TYR HH   H N N 343 
TYR HXT  H N N 344 
VAL N    N N N 345 
VAL CA   C N S 346 
VAL C    C N N 347 
VAL O    O N N 348 
VAL CB   C N N 349 
VAL CG1  C N N 350 
VAL CG2  C N N 351 
VAL OXT  O N N 352 
VAL H    H N N 353 
VAL H2   H N N 354 
VAL HA   H N N 355 
VAL HB   H N N 356 
VAL HG11 H N N 357 
VAL HG12 H N N 358 
VAL HG13 H N N 359 
VAL HG21 H N N 360 
VAL HG22 H N N 361 
VAL HG23 H N N 362 
VAL HXT  H N N 363 
# 
loop_
_chem_comp_bond.comp_id 
_chem_comp_bond.atom_id_1 
_chem_comp_bond.atom_id_2 
_chem_comp_bond.value_order 
_chem_comp_bond.pdbx_aromatic_flag 
_chem_comp_bond.pdbx_stereo_config 
_chem_comp_bond.pdbx_ordinal 
ALA N   CA   sing N N 1   
ALA N   H    sing N N 2   
ALA N   H2   sing N N 3   
ALA CA  C    sing N N 4   
ALA CA  CB   sing N N 5   
ALA CA  HA   sing N N 6   
ALA C   O    doub N N 7   
ALA C   OXT  sing N N 8   
ALA CB  HB1  sing N N 9   
ALA CB  HB2  sing N N 10  
ALA CB  HB3  sing N N 11  
ALA OXT HXT  sing N N 12  
ARG N   CA   sing N N 13  
ARG N   H    sing N N 14  
ARG N   H2   sing N N 15  
ARG CA  C    sing N N 16  
ARG CA  CB   sing N N 17  
ARG CA  HA   sing N N 18  
ARG C   O    doub N N 19  
ARG C   OXT  sing N N 20  
ARG CB  CG   sing N N 21  
ARG CB  HB2  sing N N 22  
ARG CB  HB3  sing N N 23  
ARG CG  CD   sing N N 24  
ARG CG  HG2  sing N N 25  
ARG CG  HG3  sing N N 26  
ARG CD  NE   sing N N 27  
ARG CD  HD2  sing N N 28  
ARG CD  HD3  sing N N 29  
ARG NE  CZ   sing N N 30  
ARG NE  HE   sing N N 31  
ARG CZ  NH1  sing N N 32  
ARG CZ  NH2  doub N N 33  
ARG NH1 HH11 sing N N 34  
ARG NH1 HH12 sing N N 35  
ARG NH2 HH21 sing N N 36  
ARG NH2 HH22 sing N N 37  
ARG OXT HXT  sing N N 38  
ASN N   CA   sing N N 39  
ASN N   H    sing N N 40  
ASN N   H2   sing N N 41  
ASN CA  C    sing N N 42  
ASN CA  CB   sing N N 43  
ASN CA  HA   sing N N 44  
ASN C   O    doub N N 45  
ASN C   OXT  sing N N 46  
ASN CB  CG   sing N N 47  
ASN CB  HB2  sing N N 48  
ASN CB  HB3  sing N N 49  
ASN CG  OD1  doub N N 50  
ASN CG  ND2  sing N N 51  
ASN ND2 HD21 sing N N 52  
ASN ND2 HD22 sing N N 53  
ASN OXT HXT  sing N N 54  
ASP N   CA   sing N N 55  
ASP N   H    sing N N 56  
ASP N   H2   sing N N 57  
ASP CA  C    sing N N 58  
ASP CA  CB   sing N N 59  
ASP CA  HA   sing N N 60  
ASP C   O    doub N N 61  
ASP C   OXT  sing N N 62  
ASP CB  CG   sing N N 63  
ASP CB  HB2  sing N N 64  
ASP CB  HB3  sing N N 65  
ASP CG  OD1  doub N N 66  
ASP CG  OD2  sing N N 67  
ASP OD2 HD2  sing N N 68  
ASP OXT HXT  sing N N 69  
CYS N   CA   sing N N 70  
CYS N   H    sing N N 71  
CYS N   H2   sing N N 72  
CYS CA  C    sing N N 73  
CYS CA  CB   sing N N 74  
CYS CA  HA   sing N N 75  
CYS C   O    doub N N 76  
CYS C   OXT  sing N N 77  
CYS CB  SG   sing N N 78  
CYS CB  HB2  sing N N 79  
CYS CB  HB3  sing N N 80  
CYS SG  HG   sing N N 81  
CYS OXT HXT  sing N N 82  
GLN N   CA   sing N N 83  
GLN N   H    sing N N 84  
GLN N   H2   sing N N 85  
GLN CA  C    sing N N 86  
GLN CA  CB   sing N N 87  
GLN CA  HA   sing N N 88  
GLN C   O    doub N N 89  
GLN C   OXT  sing N N 90  
GLN CB  CG   sing N N 91  
GLN CB  HB2  sing N N 92  
GLN CB  HB3  sing N N 93  
GLN CG  CD   sing N N 94  
GLN CG  HG2  sing N N 95  
GLN CG  HG3  sing N N 96  
GLN CD  OE1  doub N N 97  
GLN CD  NE2  sing N N 98  
GLN NE2 HE21 sing N N 99  
GLN NE2 HE22 sing N N 100 
GLN OXT HXT  sing N N 101 
GLU N   CA   sing N N 102 
GLU N   H    sing N N 103 
GLU N   H2   sing N N 104 
GLU CA  C    sing N N 105 
GLU CA  CB   sing N N 106 
GLU CA  HA   sing N N 107 
GLU C   O    doub N N 108 
GLU C   OXT  sing N N 109 
GLU CB  CG   sing N N 110 
GLU CB  HB2  sing N N 111 
GLU CB  HB3  sing N N 112 
GLU CG  CD   sing N N 113 
GLU CG  HG2  sing N N 114 
GLU CG  HG3  sing N N 115 
GLU CD  OE1  doub N N 116 
GLU CD  OE2  sing N N 117 
GLU OE2 HE2  sing N N 118 
GLU OXT HXT  sing N N 119 
GLY N   CA   sing N N 120 
GLY N   H    sing N N 121 
GLY N   H2   sing N N 122 
GLY CA  C    sing N N 123 
GLY CA  HA2  sing N N 124 
GLY CA  HA3  sing N N 125 
GLY C   O    doub N N 126 
GLY C   OXT  sing N N 127 
GLY OXT HXT  sing N N 128 
HIS N   CA   sing N N 129 
HIS N   H    sing N N 130 
HIS N   H2   sing N N 131 
HIS CA  C    sing N N 132 
HIS CA  CB   sing N N 133 
HIS CA  HA   sing N N 134 
HIS C   O    doub N N 135 
HIS C   OXT  sing N N 136 
HIS CB  CG   sing N N 137 
HIS CB  HB2  sing N N 138 
HIS CB  HB3  sing N N 139 
HIS CG  ND1  sing Y N 140 
HIS CG  CD2  doub Y N 141 
HIS ND1 CE1  doub Y N 142 
HIS ND1 HD1  sing N N 143 
HIS CD2 NE2  sing Y N 144 
HIS CD2 HD2  sing N N 145 
HIS CE1 NE2  sing Y N 146 
HIS CE1 HE1  sing N N 147 
HIS NE2 HE2  sing N N 148 
HIS OXT HXT  sing N N 149 
HOH O   H1   sing N N 150 
HOH O   H2   sing N N 151 
ILE N   CA   sing N N 152 
ILE N   H    sing N N 153 
ILE N   H2   sing N N 154 
ILE CA  C    sing N N 155 
ILE CA  CB   sing N N 156 
ILE CA  HA   sing N N 157 
ILE C   O    doub N N 158 
ILE C   OXT  sing N N 159 
ILE CB  CG1  sing N N 160 
ILE CB  CG2  sing N N 161 
ILE CB  HB   sing N N 162 
ILE CG1 CD1  sing N N 163 
ILE CG1 HG12 sing N N 164 
ILE CG1 HG13 sing N N 165 
ILE CG2 HG21 sing N N 166 
ILE CG2 HG22 sing N N 167 
ILE CG2 HG23 sing N N 168 
ILE CD1 HD11 sing N N 169 
ILE CD1 HD12 sing N N 170 
ILE CD1 HD13 sing N N 171 
ILE OXT HXT  sing N N 172 
LEU N   CA   sing N N 173 
LEU N   H    sing N N 174 
LEU N   H2   sing N N 175 
LEU CA  C    sing N N 176 
LEU CA  CB   sing N N 177 
LEU CA  HA   sing N N 178 
LEU C   O    doub N N 179 
LEU C   OXT  sing N N 180 
LEU CB  CG   sing N N 181 
LEU CB  HB2  sing N N 182 
LEU CB  HB3  sing N N 183 
LEU CG  CD1  sing N N 184 
LEU CG  CD2  sing N N 185 
LEU CG  HG   sing N N 186 
LEU CD1 HD11 sing N N 187 
LEU CD1 HD12 sing N N 188 
LEU CD1 HD13 sing N N 189 
LEU CD2 HD21 sing N N 190 
LEU CD2 HD22 sing N N 191 
LEU CD2 HD23 sing N N 192 
LEU OXT HXT  sing N N 193 
LYS N   CA   sing N N 194 
LYS N   H    sing N N 195 
LYS N   H2   sing N N 196 
LYS CA  C    sing N N 197 
LYS CA  CB   sing N N 198 
LYS CA  HA   sing N N 199 
LYS C   O    doub N N 200 
LYS C   OXT  sing N N 201 
LYS CB  CG   sing N N 202 
LYS CB  HB2  sing N N 203 
LYS CB  HB3  sing N N 204 
LYS CG  CD   sing N N 205 
LYS CG  HG2  sing N N 206 
LYS CG  HG3  sing N N 207 
LYS CD  CE   sing N N 208 
LYS CD  HD2  sing N N 209 
LYS CD  HD3  sing N N 210 
LYS CE  NZ   sing N N 211 
LYS CE  HE2  sing N N 212 
LYS CE  HE3  sing N N 213 
LYS NZ  HZ1  sing N N 214 
LYS NZ  HZ2  sing N N 215 
LYS NZ  HZ3  sing N N 216 
LYS OXT HXT  sing N N 217 
MET N   CA   sing N N 218 
MET N   H    sing N N 219 
MET N   H2   sing N N 220 
MET CA  C    sing N N 221 
MET CA  CB   sing N N 222 
MET CA  HA   sing N N 223 
MET C   O    doub N N 224 
MET C   OXT  sing N N 225 
MET CB  CG   sing N N 226 
MET CB  HB2  sing N N 227 
MET CB  HB3  sing N N 228 
MET CG  SD   sing N N 229 
MET CG  HG2  sing N N 230 
MET CG  HG3  sing N N 231 
MET SD  CE   sing N N 232 
MET CE  HE1  sing N N 233 
MET CE  HE2  sing N N 234 
MET CE  HE3  sing N N 235 
MET OXT HXT  sing N N 236 
PHE N   CA   sing N N 237 
PHE N   H    sing N N 238 
PHE N   H2   sing N N 239 
PHE CA  C    sing N N 240 
PHE CA  CB   sing N N 241 
PHE CA  HA   sing N N 242 
PHE C   O    doub N N 243 
PHE C   OXT  sing N N 244 
PHE CB  CG   sing N N 245 
PHE CB  HB2  sing N N 246 
PHE CB  HB3  sing N N 247 
PHE CG  CD1  doub Y N 248 
PHE CG  CD2  sing Y N 249 
PHE CD1 CE1  sing Y N 250 
PHE CD1 HD1  sing N N 251 
PHE CD2 CE2  doub Y N 252 
PHE CD2 HD2  sing N N 253 
PHE CE1 CZ   doub Y N 254 
PHE CE1 HE1  sing N N 255 
PHE CE2 CZ   sing Y N 256 
PHE CE2 HE2  sing N N 257 
PHE CZ  HZ   sing N N 258 
PHE OXT HXT  sing N N 259 
PRO N   CA   sing N N 260 
PRO N   CD   sing N N 261 
PRO N   H    sing N N 262 
PRO CA  C    sing N N 263 
PRO CA  CB   sing N N 264 
PRO CA  HA   sing N N 265 
PRO C   O    doub N N 266 
PRO C   OXT  sing N N 267 
PRO CB  CG   sing N N 268 
PRO CB  HB2  sing N N 269 
PRO CB  HB3  sing N N 270 
PRO CG  CD   sing N N 271 
PRO CG  HG2  sing N N 272 
PRO CG  HG3  sing N N 273 
PRO CD  HD2  sing N N 274 
PRO CD  HD3  sing N N 275 
PRO OXT HXT  sing N N 276 
SER N   CA   sing N N 277 
SER N   H    sing N N 278 
SER N   H2   sing N N 279 
SER CA  C    sing N N 280 
SER CA  CB   sing N N 281 
SER CA  HA   sing N N 282 
SER C   O    doub N N 283 
SER C   OXT  sing N N 284 
SER CB  OG   sing N N 285 
SER CB  HB2  sing N N 286 
SER CB  HB3  sing N N 287 
SER OG  HG   sing N N 288 
SER OXT HXT  sing N N 289 
THR N   CA   sing N N 290 
THR N   H    sing N N 291 
THR N   H2   sing N N 292 
THR CA  C    sing N N 293 
THR CA  CB   sing N N 294 
THR CA  HA   sing N N 295 
THR C   O    doub N N 296 
THR C   OXT  sing N N 297 
THR CB  OG1  sing N N 298 
THR CB  CG2  sing N N 299 
THR CB  HB   sing N N 300 
THR OG1 HG1  sing N N 301 
THR CG2 HG21 sing N N 302 
THR CG2 HG22 sing N N 303 
THR CG2 HG23 sing N N 304 
THR OXT HXT  sing N N 305 
TYR N   CA   sing N N 306 
TYR N   H    sing N N 307 
TYR N   H2   sing N N 308 
TYR CA  C    sing N N 309 
TYR CA  CB   sing N N 310 
TYR CA  HA   sing N N 311 
TYR C   O    doub N N 312 
TYR C   OXT  sing N N 313 
TYR CB  CG   sing N N 314 
TYR CB  HB2  sing N N 315 
TYR CB  HB3  sing N N 316 
TYR CG  CD1  doub Y N 317 
TYR CG  CD2  sing Y N 318 
TYR CD1 CE1  sing Y N 319 
TYR CD1 HD1  sing N N 320 
TYR CD2 CE2  doub Y N 321 
TYR CD2 HD2  sing N N 322 
TYR CE1 CZ   doub Y N 323 
TYR CE1 HE1  sing N N 324 
TYR CE2 CZ   sing Y N 325 
TYR CE2 HE2  sing N N 326 
TYR CZ  OH   sing N N 327 
TYR OH  HH   sing N N 328 
TYR OXT HXT  sing N N 329 
VAL N   CA   sing N N 330 
VAL N   H    sing N N 331 
VAL N   H2   sing N N 332 
VAL CA  C    sing N N 333 
VAL CA  CB   sing N N 334 
VAL CA  HA   sing N N 335 
VAL C   O    doub N N 336 
VAL C   OXT  sing N N 337 
VAL CB  CG1  sing N N 338 
VAL CB  CG2  sing N N 339 
VAL CB  HB   sing N N 340 
VAL CG1 HG11 sing N N 341 
VAL CG1 HG12 sing N N 342 
VAL CG1 HG13 sing N N 343 
VAL CG2 HG21 sing N N 344 
VAL CG2 HG22 sing N N 345 
VAL CG2 HG23 sing N N 346 
VAL OXT HXT  sing N N 347 
# 
_pdbx_entity_nonpoly.entity_id   2 
_pdbx_entity_nonpoly.name        water 
_pdbx_entity_nonpoly.comp_id     HOH 
# 
_pdbx_initial_refinement_model.id               1 
_pdbx_initial_refinement_model.entity_id_list   ? 
_pdbx_initial_refinement_model.type             'experimental model' 
_pdbx_initial_refinement_model.source_name      PDB 
_pdbx_initial_refinement_model.accession_code   1WM3 
_pdbx_initial_refinement_model.details          'PDB ENTRY 1WM3' 
# 
